data_5J7J
#
_entry.id   5J7J
#
loop_
_entity.id
_entity.type
_entity.pdbx_description
1 polymer Calmodulin
2 polymer 'Disks large homolog 4'
3 non-polymer 'CALCIUM ION'
#
loop_
_entity_poly.entity_id
_entity_poly.type
_entity_poly.pdbx_seq_one_letter_code
_entity_poly.pdbx_strand_id
1 'polypeptide(L)'
;ADQLTEEQIAEFKEAFSLFDKDGDGTITTKELGTVMRSLGQNPTEAELQDMINEVDADGNGTIDFPEFLTMMARKMKDTD
SEEEIREAFRVFDKDGNGYISAAELRHVMTNLGEKLTDEEVDEMIREADIDGDGQVNYEEFVQMMTAK
;
A
2 'polypeptide(L)' MDCLCIVTTKKYRYQDED(TPO) B
#
# COMPACT_ATOMS: atom_id res chain seq x y z
N LEU A 4 9.04 -0.98 19.55
CA LEU A 4 9.06 -1.86 18.37
C LEU A 4 8.65 -3.27 18.76
N THR A 5 7.81 -3.87 17.93
CA THR A 5 7.34 -5.21 18.17
C THR A 5 8.21 -6.23 17.43
N GLU A 6 8.59 -7.29 18.14
CA GLU A 6 9.40 -8.36 17.55
C GLU A 6 8.73 -8.88 16.26
N GLU A 7 7.41 -9.01 16.33
CA GLU A 7 6.60 -9.45 15.19
C GLU A 7 6.82 -8.55 13.97
N GLN A 8 7.16 -7.29 14.24
CA GLN A 8 7.42 -6.30 13.19
C GLN A 8 8.83 -5.75 13.37
N ILE A 9 9.74 -6.62 13.78
CA ILE A 9 11.12 -6.25 14.07
C ILE A 9 11.89 -5.73 12.86
N ALA A 10 11.56 -6.19 11.65
CA ALA A 10 12.29 -5.75 10.48
C ALA A 10 11.37 -5.61 9.28
N GLU A 11 10.08 -5.41 9.54
CA GLU A 11 9.10 -5.26 8.47
C GLU A 11 9.49 -4.10 7.57
N PHE A 12 9.66 -2.92 8.16
CA PHE A 12 10.08 -1.74 7.42
C PHE A 12 11.27 -2.05 6.50
N LYS A 13 12.21 -2.86 7.00
CA LYS A 13 13.37 -3.25 6.22
C LYS A 13 12.94 -4.14 5.05
N GLU A 14 12.01 -5.05 5.33
CA GLU A 14 11.50 -5.97 4.32
C GLU A 14 10.96 -5.21 3.11
N ALA A 15 10.11 -4.23 3.37
CA ALA A 15 9.55 -3.40 2.31
C ALA A 15 10.65 -2.65 1.58
N PHE A 16 11.40 -1.83 2.33
CA PHE A 16 12.51 -1.05 1.77
C PHE A 16 13.41 -1.91 0.88
N SER A 17 13.74 -3.10 1.38
CA SER A 17 14.56 -4.08 0.65
C SER A 17 14.08 -4.29 -0.80
N LEU A 18 12.79 -4.09 -1.05
CA LEU A 18 12.23 -4.29 -2.38
C LEU A 18 12.05 -2.98 -3.14
N PHE A 19 12.01 -1.86 -2.42
CA PHE A 19 11.82 -0.56 -3.04
C PHE A 19 13.15 0.01 -3.54
N ASP A 20 14.03 0.38 -2.62
CA ASP A 20 15.36 0.89 -2.96
C ASP A 20 16.08 -0.08 -3.89
N LYS A 21 17.16 0.35 -4.54
CA LYS A 21 17.88 -0.51 -5.47
C LYS A 21 19.35 -0.12 -5.46
N ASP A 22 19.58 1.19 -5.49
CA ASP A 22 20.92 1.78 -5.51
C ASP A 22 21.74 1.55 -4.22
N GLY A 23 21.25 0.69 -3.33
CA GLY A 23 21.98 0.40 -2.09
C GLY A 23 22.19 1.60 -1.16
N ASP A 24 21.51 2.71 -1.39
CA ASP A 24 21.66 3.88 -0.52
C ASP A 24 20.61 3.77 0.58
N GLY A 25 19.52 3.14 0.20
CA GLY A 25 18.43 2.87 1.12
C GLY A 25 17.48 4.03 1.34
N THR A 26 17.16 4.76 0.28
CA THR A 26 16.20 5.86 0.35
C THR A 26 15.46 5.84 -0.97
N ILE A 27 14.14 5.80 -0.94
CA ILE A 27 13.39 5.77 -2.20
C ILE A 27 13.20 7.17 -2.74
N THR A 28 13.81 7.44 -3.88
CA THR A 28 13.70 8.75 -4.48
C THR A 28 12.52 8.81 -5.46
N THR A 29 12.42 9.92 -6.16
CA THR A 29 11.34 10.15 -7.11
C THR A 29 11.33 9.08 -8.20
N LYS A 30 12.46 8.90 -8.86
CA LYS A 30 12.58 7.91 -9.94
C LYS A 30 12.40 6.48 -9.42
N GLU A 31 12.82 6.22 -8.19
CA GLU A 31 12.70 4.89 -7.63
C GLU A 31 11.25 4.57 -7.31
N LEU A 32 10.57 5.56 -6.71
CA LEU A 32 9.16 5.41 -6.35
C LEU A 32 8.30 5.24 -7.60
N GLY A 33 8.65 6.00 -8.63
CA GLY A 33 7.93 5.96 -9.89
C GLY A 33 7.81 4.58 -10.50
N THR A 34 8.92 3.84 -10.57
CA THR A 34 8.92 2.50 -11.14
C THR A 34 7.89 1.58 -10.48
N VAL A 35 7.91 1.55 -9.16
CA VAL A 35 6.99 0.73 -8.38
C VAL A 35 5.54 1.04 -8.75
N MET A 36 5.25 2.33 -8.89
CA MET A 36 3.91 2.78 -9.26
C MET A 36 3.60 2.44 -10.73
N ARG A 37 4.62 2.62 -11.57
CA ARG A 37 4.51 2.35 -13.01
C ARG A 37 4.23 0.89 -13.30
N SER A 38 4.82 0.01 -12.50
CA SER A 38 4.63 -1.43 -12.66
C SER A 38 3.18 -1.85 -12.42
N LEU A 39 2.40 -0.94 -11.83
CA LEU A 39 1.00 -1.22 -11.54
C LEU A 39 0.09 -0.65 -12.63
N GLY A 40 0.69 -0.01 -13.63
CA GLY A 40 -0.09 0.54 -14.73
C GLY A 40 -0.18 2.06 -14.70
N GLN A 41 0.17 2.65 -13.57
CA GLN A 41 0.11 4.10 -13.43
C GLN A 41 1.34 4.76 -14.03
N ASN A 42 1.13 5.76 -14.86
CA ASN A 42 2.24 6.47 -15.49
C ASN A 42 2.04 7.98 -15.42
N PRO A 43 2.49 8.60 -14.34
CA PRO A 43 2.37 10.03 -14.11
C PRO A 43 3.66 10.78 -14.44
N THR A 44 3.70 12.08 -14.14
CA THR A 44 4.88 12.89 -14.40
C THR A 44 5.62 13.24 -13.10
N GLU A 45 6.68 14.03 -13.24
CA GLU A 45 7.50 14.44 -12.09
C GLU A 45 6.66 15.14 -11.02
N ALA A 46 5.76 16.01 -11.44
CA ALA A 46 4.90 16.75 -10.51
C ALA A 46 4.04 15.81 -9.67
N GLU A 47 3.63 14.72 -10.29
CA GLU A 47 2.79 13.73 -9.62
C GLU A 47 3.61 12.92 -8.63
N LEU A 48 4.86 12.64 -8.98
CA LEU A 48 5.75 11.86 -8.13
C LEU A 48 6.31 12.68 -6.98
N GLN A 49 6.77 13.89 -7.28
CA GLN A 49 7.34 14.75 -6.24
C GLN A 49 6.27 15.16 -5.23
N ASP A 50 5.03 15.27 -5.71
CA ASP A 50 3.92 15.62 -4.85
C ASP A 50 3.70 14.55 -3.80
N MET A 51 3.91 13.30 -4.22
CA MET A 51 3.77 12.16 -3.32
C MET A 51 4.78 12.24 -2.20
N ILE A 52 6.04 12.48 -2.54
CA ILE A 52 7.07 12.64 -1.51
C ILE A 52 6.64 13.66 -0.45
N ASN A 53 6.25 14.84 -0.90
CA ASN A 53 5.76 15.93 0.00
C ASN A 53 4.66 15.40 0.94
N GLU A 54 3.95 14.39 0.44
CA GLU A 54 2.89 13.73 1.21
C GLU A 54 3.47 13.00 2.43
N VAL A 55 4.70 12.53 2.31
CA VAL A 55 5.38 11.82 3.40
C VAL A 55 6.45 12.70 4.06
N ASP A 56 7.33 13.24 3.21
CA ASP A 56 8.44 14.08 3.66
C ASP A 56 7.95 15.27 4.46
N ALA A 57 8.57 15.48 5.60
CA ALA A 57 8.20 16.58 6.47
C ALA A 57 9.43 17.30 7.01
N ASP A 58 10.61 16.94 6.51
CA ASP A 58 11.84 17.57 6.96
C ASP A 58 12.31 18.62 5.96
N GLY A 59 11.65 18.72 4.82
CA GLY A 59 12.02 19.70 3.83
C GLY A 59 13.13 19.24 2.91
N ASN A 60 13.53 17.98 3.03
CA ASN A 60 14.59 17.45 2.18
C ASN A 60 13.99 16.97 0.86
N GLY A 61 12.71 16.61 0.88
CA GLY A 61 12.04 16.17 -0.32
C GLY A 61 12.32 14.74 -0.69
N THR A 62 12.53 13.89 0.31
CA THR A 62 12.80 12.48 0.09
C THR A 62 12.44 11.66 1.33
N ILE A 63 11.69 10.57 1.16
CA ILE A 63 11.32 9.74 2.29
C ILE A 63 12.59 9.05 2.81
N ASP A 64 12.91 9.23 4.09
CA ASP A 64 14.11 8.64 4.66
C ASP A 64 13.75 7.68 5.80
N PHE A 65 14.46 7.70 6.94
CA PHE A 65 14.14 6.78 8.02
C PHE A 65 13.10 7.34 9.00
N PRO A 66 13.27 8.58 9.54
CA PRO A 66 12.28 9.17 10.47
C PRO A 66 10.86 9.12 9.89
N GLU A 67 10.72 9.61 8.66
CA GLU A 67 9.44 9.60 7.95
C GLU A 67 8.90 8.17 7.79
N PHE A 68 9.82 7.23 7.85
CA PHE A 68 9.49 5.82 7.72
C PHE A 68 9.00 5.26 9.04
N LEU A 69 9.07 6.08 10.08
CA LEU A 69 8.60 5.69 11.40
C LEU A 69 7.40 6.55 11.78
N THR A 70 7.46 7.82 11.41
CA THR A 70 6.39 8.76 11.69
C THR A 70 5.14 8.45 10.85
N MET A 71 5.32 8.38 9.54
CA MET A 71 4.19 8.09 8.64
C MET A 71 3.74 6.65 8.86
N MET A 72 4.64 5.88 9.46
CA MET A 72 4.37 4.48 9.78
C MET A 72 3.21 4.42 10.77
N ALA A 73 3.13 5.43 11.62
CA ALA A 73 2.07 5.53 12.61
C ALA A 73 0.91 6.34 12.04
N ARG A 74 1.22 7.52 11.49
CA ARG A 74 0.23 8.40 10.86
C ARG A 74 -0.83 7.63 10.10
N LYS A 75 -0.40 6.87 9.10
CA LYS A 75 -1.31 6.09 8.25
C LYS A 75 -2.13 5.09 9.04
N MET A 76 -1.54 4.54 10.09
CA MET A 76 -2.22 3.55 10.91
C MET A 76 -3.28 4.20 11.80
N LYS A 77 -3.25 5.52 11.87
CA LYS A 77 -4.22 6.27 12.67
C LYS A 77 -5.16 7.06 11.78
N ASP A 78 -4.62 7.52 10.66
CA ASP A 78 -5.39 8.33 9.70
C ASP A 78 -5.99 7.46 8.60
N THR A 79 -6.19 6.19 8.90
CA THR A 79 -6.76 5.25 7.95
C THR A 79 -8.16 5.70 7.53
N ASP A 80 -9.04 5.87 8.52
CA ASP A 80 -10.40 6.32 8.24
C ASP A 80 -10.42 7.84 8.12
N SER A 81 -10.16 8.32 6.92
CA SER A 81 -10.14 9.75 6.67
C SER A 81 -11.17 10.13 5.63
N GLU A 82 -10.87 9.85 4.36
CA GLU A 82 -11.76 10.18 3.27
C GLU A 82 -11.20 9.62 1.96
N GLU A 83 -10.39 10.42 1.26
CA GLU A 83 -9.80 10.02 0.00
C GLU A 83 -8.74 8.93 0.20
N GLU A 84 -8.19 8.84 1.41
CA GLU A 84 -7.16 7.83 1.71
C GLU A 84 -7.71 6.42 1.50
N ILE A 85 -9.02 6.27 1.69
CA ILE A 85 -9.67 4.98 1.50
C ILE A 85 -9.77 4.67 0.00
N ARG A 86 -9.79 5.74 -0.78
CA ARG A 86 -9.90 5.61 -2.23
C ARG A 86 -8.50 5.44 -2.78
N GLU A 87 -7.54 6.00 -2.04
CA GLU A 87 -6.14 5.92 -2.39
C GLU A 87 -5.68 4.47 -2.46
N ALA A 88 -5.85 3.74 -1.36
CA ALA A 88 -5.47 2.34 -1.33
C ALA A 88 -6.26 1.57 -2.37
N PHE A 89 -7.56 1.86 -2.44
CA PHE A 89 -8.41 1.22 -3.43
C PHE A 89 -7.86 1.45 -4.84
N ARG A 90 -7.24 2.61 -5.04
CA ARG A 90 -6.64 2.98 -6.32
C ARG A 90 -5.38 2.17 -6.58
N VAL A 91 -4.70 1.75 -5.52
CA VAL A 91 -3.47 0.98 -5.65
C VAL A 91 -3.76 -0.51 -5.53
N PHE A 92 -5.04 -0.84 -5.37
CA PHE A 92 -5.46 -2.23 -5.24
C PHE A 92 -6.33 -2.63 -6.42
N ASP A 93 -6.37 -1.74 -7.40
CA ASP A 93 -7.15 -1.94 -8.61
C ASP A 93 -6.30 -1.52 -9.81
N LYS A 94 -6.57 -2.07 -10.98
CA LYS A 94 -5.79 -1.75 -12.14
C LYS A 94 -6.69 -1.54 -13.36
N ASP A 95 -7.74 -2.35 -13.46
CA ASP A 95 -8.66 -2.25 -14.60
C ASP A 95 -9.54 -1.01 -14.48
N GLY A 96 -9.72 -0.52 -13.26
CA GLY A 96 -10.55 0.64 -13.04
C GLY A 96 -12.00 0.31 -13.33
N ASN A 97 -12.58 -0.58 -12.54
CA ASN A 97 -13.96 -0.99 -12.73
C ASN A 97 -14.77 -0.82 -11.47
N GLY A 98 -14.11 -0.81 -10.31
CA GLY A 98 -14.81 -0.62 -9.07
C GLY A 98 -14.68 -1.77 -8.08
N TYR A 99 -14.14 -2.91 -8.49
CA TYR A 99 -13.97 -4.04 -7.58
C TYR A 99 -12.78 -4.91 -7.96
N ILE A 100 -12.22 -5.61 -6.97
CA ILE A 100 -11.07 -6.49 -7.18
C ILE A 100 -11.30 -7.87 -6.58
N SER A 101 -10.74 -8.90 -7.23
CA SER A 101 -10.82 -10.29 -6.78
C SER A 101 -9.49 -10.99 -7.08
N ALA A 102 -9.49 -12.20 -7.66
CA ALA A 102 -8.22 -12.89 -8.03
C ALA A 102 -7.74 -12.32 -9.37
N ALA A 103 -8.00 -11.05 -9.47
CA ALA A 103 -7.69 -10.25 -10.63
C ALA A 103 -6.40 -9.46 -10.43
N GLU A 104 -6.55 -8.14 -10.46
CA GLU A 104 -5.42 -7.24 -10.33
C GLU A 104 -4.78 -7.28 -8.95
N LEU A 105 -5.38 -8.00 -8.01
CA LEU A 105 -4.85 -8.09 -6.66
C LEU A 105 -3.47 -8.76 -6.68
N ARG A 106 -3.41 -9.96 -7.23
CA ARG A 106 -2.16 -10.70 -7.33
C ARG A 106 -1.06 -9.85 -7.98
N HIS A 107 -1.43 -9.13 -9.04
CA HIS A 107 -0.49 -8.27 -9.76
C HIS A 107 0.05 -7.17 -8.84
N VAL A 108 -0.83 -6.61 -8.00
CA VAL A 108 -0.47 -5.56 -7.08
C VAL A 108 0.60 -6.02 -6.09
N MET A 109 0.35 -7.14 -5.43
CA MET A 109 1.27 -7.67 -4.43
C MET A 109 2.65 -7.95 -5.03
N THR A 110 2.67 -8.70 -6.14
CA THR A 110 3.91 -9.05 -6.81
C THR A 110 4.73 -7.83 -7.24
N ASN A 111 4.09 -6.67 -7.39
CA ASN A 111 4.82 -5.47 -7.81
C ASN A 111 4.97 -4.46 -6.68
N LEU A 112 4.50 -4.81 -5.48
CA LEU A 112 4.61 -3.92 -4.34
C LEU A 112 5.54 -4.48 -3.27
N GLY A 113 5.29 -5.71 -2.84
CA GLY A 113 6.13 -6.32 -1.83
C GLY A 113 5.35 -7.04 -0.75
N GLU A 114 4.58 -8.04 -1.14
CA GLU A 114 3.78 -8.83 -0.21
C GLU A 114 3.58 -10.24 -0.75
N LYS A 115 3.87 -11.24 0.08
CA LYS A 115 3.70 -12.62 -0.33
C LYS A 115 2.25 -13.06 -0.09
N LEU A 116 1.59 -13.49 -1.15
CA LEU A 116 0.20 -13.93 -1.08
C LEU A 116 -0.15 -14.85 -2.24
N THR A 117 -0.21 -16.14 -1.95
CA THR A 117 -0.59 -17.12 -2.95
C THR A 117 -2.11 -17.16 -3.05
N ASP A 118 -2.65 -17.87 -4.06
CA ASP A 118 -4.10 -17.97 -4.24
C ASP A 118 -4.88 -18.21 -2.94
N GLU A 119 -4.54 -19.25 -2.19
CA GLU A 119 -5.24 -19.55 -0.94
C GLU A 119 -5.03 -18.46 0.11
N GLU A 120 -4.01 -17.66 -0.12
CA GLU A 120 -3.66 -16.59 0.78
C GLU A 120 -4.59 -15.41 0.52
N VAL A 121 -4.75 -15.05 -0.75
CA VAL A 121 -5.66 -13.97 -1.10
C VAL A 121 -7.09 -14.42 -0.90
N ASP A 122 -7.33 -15.73 -1.04
CA ASP A 122 -8.66 -16.29 -0.82
C ASP A 122 -9.14 -15.92 0.57
N GLU A 123 -8.22 -16.04 1.54
CA GLU A 123 -8.52 -15.66 2.91
C GLU A 123 -8.93 -14.19 2.91
N MET A 124 -8.09 -13.38 2.27
CA MET A 124 -8.32 -11.94 2.14
C MET A 124 -9.63 -11.61 1.42
N ILE A 125 -10.17 -12.57 0.68
CA ILE A 125 -11.40 -12.33 -0.06
C ILE A 125 -12.55 -12.37 0.92
N ARG A 126 -12.60 -13.44 1.71
CA ARG A 126 -13.64 -13.62 2.72
C ARG A 126 -13.36 -12.69 3.89
N GLU A 127 -12.24 -12.01 3.79
CA GLU A 127 -11.82 -11.06 4.80
C GLU A 127 -12.50 -9.72 4.56
N ALA A 128 -12.65 -9.36 3.30
CA ALA A 128 -13.30 -8.09 2.94
C ALA A 128 -14.50 -8.31 2.03
N ASP A 129 -15.15 -9.45 2.16
CA ASP A 129 -16.31 -9.76 1.32
C ASP A 129 -17.60 -9.68 2.11
N ILE A 130 -17.78 -8.58 2.83
CA ILE A 130 -19.01 -8.33 3.61
C ILE A 130 -20.28 -8.70 2.84
N ASP A 131 -20.41 -8.18 1.62
CA ASP A 131 -21.59 -8.43 0.78
C ASP A 131 -21.70 -9.92 0.43
N GLY A 132 -20.56 -10.60 0.38
CA GLY A 132 -20.56 -12.03 0.12
C GLY A 132 -20.76 -12.40 -1.34
N ASP A 133 -19.89 -11.91 -2.21
CA ASP A 133 -19.98 -12.21 -3.64
C ASP A 133 -18.62 -12.72 -4.11
N GLY A 134 -17.74 -12.93 -3.15
CA GLY A 134 -16.39 -13.37 -3.45
C GLY A 134 -15.63 -12.29 -4.17
N GLN A 135 -15.55 -11.10 -3.55
CA GLN A 135 -14.87 -9.97 -4.16
C GLN A 135 -14.75 -8.81 -3.16
N VAL A 136 -13.96 -7.82 -3.55
CA VAL A 136 -13.73 -6.63 -2.74
C VAL A 136 -14.08 -5.40 -3.56
N ASN A 137 -14.82 -4.45 -2.99
CA ASN A 137 -15.19 -3.24 -3.72
C ASN A 137 -15.17 -2.04 -2.77
N TYR A 138 -15.42 -0.85 -3.32
CA TYR A 138 -15.42 0.39 -2.53
C TYR A 138 -16.30 0.25 -1.28
N GLU A 139 -17.56 -0.09 -1.49
CA GLU A 139 -18.54 -0.24 -0.41
C GLU A 139 -18.06 -1.14 0.73
N GLU A 140 -17.28 -2.17 0.40
CA GLU A 140 -16.81 -3.10 1.41
C GLU A 140 -15.52 -2.61 2.05
N PHE A 141 -14.55 -2.21 1.23
CA PHE A 141 -13.26 -1.75 1.72
C PHE A 141 -13.40 -0.64 2.76
N VAL A 142 -14.31 0.28 2.56
CA VAL A 142 -14.52 1.40 3.49
C VAL A 142 -14.78 0.88 4.92
N GLN A 143 -15.63 -0.13 5.04
CA GLN A 143 -15.96 -0.70 6.33
C GLN A 143 -14.78 -1.47 6.90
N MET A 144 -14.13 -2.27 6.06
CA MET A 144 -13.00 -3.08 6.49
C MET A 144 -11.80 -2.21 6.87
N MET A 145 -11.63 -1.11 6.15
CA MET A 145 -10.51 -0.18 6.38
C MET A 145 -10.54 0.46 7.78
N THR A 146 -11.56 0.19 8.57
CA THR A 146 -11.62 0.76 9.91
C THR A 146 -12.11 -0.28 10.92
N ALA A 147 -13.03 -1.14 10.47
CA ALA A 147 -13.58 -2.19 11.33
C ALA A 147 -13.13 -3.57 10.86
N MET B 1 4.27 7.33 -2.16
CA MET B 1 2.97 6.71 -2.39
C MET B 1 3.03 5.22 -2.05
N ASP B 2 4.17 4.60 -2.30
CA ASP B 2 4.34 3.18 -2.04
C ASP B 2 4.57 2.90 -0.57
N CYS B 3 5.16 3.85 0.14
CA CYS B 3 5.43 3.66 1.56
C CYS B 3 4.14 3.62 2.38
N LEU B 4 3.21 4.52 2.08
CA LEU B 4 1.95 4.57 2.82
C LEU B 4 0.99 3.47 2.37
N CYS B 5 0.98 3.14 1.07
CA CYS B 5 0.10 2.09 0.59
C CYS B 5 0.56 0.75 1.15
N ILE B 6 1.87 0.63 1.38
CA ILE B 6 2.44 -0.58 1.95
C ILE B 6 1.91 -0.78 3.37
N VAL B 7 1.91 0.30 4.13
CA VAL B 7 1.41 0.26 5.51
C VAL B 7 -0.08 -0.08 5.51
N THR B 8 -0.83 0.53 4.60
CA THR B 8 -2.25 0.26 4.48
C THR B 8 -2.48 -1.20 4.09
N THR B 9 -1.63 -1.71 3.20
CA THR B 9 -1.70 -3.09 2.76
C THR B 9 -1.52 -4.01 3.96
N LYS B 10 -0.63 -3.62 4.85
CA LYS B 10 -0.34 -4.39 6.04
C LYS B 10 -1.54 -4.35 7.00
N LYS B 11 -2.17 -3.17 7.09
CA LYS B 11 -3.34 -2.99 7.96
C LYS B 11 -4.55 -3.73 7.41
N TYR B 12 -4.59 -3.88 6.09
CA TYR B 12 -5.68 -4.58 5.41
C TYR B 12 -5.47 -6.09 5.50
N ARG B 13 -4.22 -6.52 5.59
CA ARG B 13 -3.88 -7.92 5.69
C ARG B 13 -4.00 -8.41 7.14
N TYR B 14 -3.29 -7.73 8.03
CA TYR B 14 -3.28 -8.09 9.44
C TYR B 14 -4.60 -7.73 10.13
N GLN B 15 -5.52 -8.68 10.13
CA GLN B 15 -6.81 -8.49 10.75
C GLN B 15 -7.03 -9.54 11.84
N ASP B 16 -7.11 -10.81 11.44
CA ASP B 16 -7.29 -11.92 12.39
C ASP B 16 -6.93 -13.23 11.72
N GLU B 17 -7.55 -13.49 10.58
CA GLU B 17 -7.30 -14.73 9.83
C GLU B 17 -5.89 -14.76 9.25
N ASP B 18 -5.71 -14.08 8.13
CA ASP B 18 -4.42 -14.03 7.45
C ASP B 18 -3.48 -13.05 8.15
N LEU A 4 8.72 -0.72 19.07
CA LEU A 4 8.98 -1.71 18.05
C LEU A 4 8.68 -3.12 18.57
N THR A 5 7.86 -3.85 17.82
CA THR A 5 7.49 -5.20 18.21
C THR A 5 8.30 -6.22 17.42
N GLU A 6 8.66 -7.31 18.10
CA GLU A 6 9.42 -8.41 17.48
C GLU A 6 8.73 -8.88 16.20
N GLU A 7 7.41 -8.96 16.26
CA GLU A 7 6.58 -9.37 15.13
C GLU A 7 6.83 -8.50 13.89
N GLN A 8 7.35 -7.29 14.10
CA GLN A 8 7.66 -6.38 12.99
C GLN A 8 9.10 -5.89 13.14
N ILE A 9 9.93 -6.73 13.74
CA ILE A 9 11.33 -6.42 14.02
C ILE A 9 12.08 -5.91 12.78
N ALA A 10 11.73 -6.37 11.59
CA ALA A 10 12.43 -5.94 10.39
C ALA A 10 11.45 -5.58 9.27
N GLU A 11 10.22 -5.25 9.65
CA GLU A 11 9.19 -4.90 8.68
C GLU A 11 9.67 -3.74 7.81
N PHE A 12 9.96 -2.62 8.46
CA PHE A 12 10.50 -1.44 7.78
C PHE A 12 11.57 -1.81 6.75
N LYS A 13 12.46 -2.72 7.12
CA LYS A 13 13.53 -3.16 6.24
C LYS A 13 12.98 -3.88 5.01
N GLU A 14 11.90 -4.63 5.20
CA GLU A 14 11.28 -5.38 4.11
C GLU A 14 10.87 -4.44 2.97
N ALA A 15 10.10 -3.40 3.32
CA ALA A 15 9.64 -2.41 2.33
C ALA A 15 10.84 -1.70 1.68
N PHE A 16 11.67 -1.08 2.51
CA PHE A 16 12.88 -0.38 2.00
C PHE A 16 13.66 -1.27 1.02
N SER A 17 13.99 -2.47 1.48
CA SER A 17 14.73 -3.45 0.66
C SER A 17 13.98 -3.80 -0.62
N LEU A 18 12.69 -3.49 -0.66
CA LEU A 18 11.85 -3.78 -1.82
C LEU A 18 11.89 -2.62 -2.82
N PHE A 19 11.92 -1.39 -2.31
CA PHE A 19 11.95 -0.21 -3.18
C PHE A 19 13.37 0.17 -3.57
N ASP A 20 14.21 0.45 -2.58
CA ASP A 20 15.61 0.82 -2.83
C ASP A 20 16.32 -0.23 -3.65
N LYS A 21 17.42 0.15 -4.27
CA LYS A 21 18.19 -0.73 -5.13
C LYS A 21 19.63 -0.21 -5.16
N ASP A 22 19.73 1.13 -5.17
CA ASP A 22 21.00 1.85 -5.20
C ASP A 22 21.80 1.73 -3.88
N GLY A 23 21.33 0.90 -2.98
CA GLY A 23 22.02 0.69 -1.71
C GLY A 23 22.18 1.92 -0.82
N ASP A 24 21.44 2.99 -1.11
CA ASP A 24 21.51 4.18 -0.26
C ASP A 24 20.47 4.03 0.85
N GLY A 25 19.41 3.35 0.47
CA GLY A 25 18.33 3.04 1.39
C GLY A 25 17.36 4.17 1.63
N THR A 26 17.02 4.93 0.60
CA THR A 26 16.05 6.01 0.72
C THR A 26 15.22 5.98 -0.56
N ILE A 27 13.95 6.32 -0.45
CA ILE A 27 13.06 6.28 -1.62
C ILE A 27 12.98 7.65 -2.28
N THR A 28 13.47 7.77 -3.51
CA THR A 28 13.45 9.03 -4.23
C THR A 28 12.41 9.01 -5.36
N THR A 29 12.46 10.05 -6.19
CA THR A 29 11.53 10.21 -7.29
C THR A 29 11.65 9.08 -8.32
N LYS A 30 12.83 8.97 -8.95
CA LYS A 30 13.06 7.96 -9.99
C LYS A 30 12.83 6.55 -9.46
N GLU A 31 13.11 6.34 -8.18
CA GLU A 31 12.95 5.01 -7.57
C GLU A 31 11.49 4.63 -7.42
N LEU A 32 10.65 5.62 -7.15
CA LEU A 32 9.23 5.39 -6.97
C LEU A 32 8.53 5.19 -8.31
N GLY A 33 9.11 5.76 -9.36
CA GLY A 33 8.55 5.65 -10.70
C GLY A 33 8.32 4.22 -11.13
N THR A 34 9.34 3.38 -11.00
CA THR A 34 9.26 1.98 -11.39
C THR A 34 8.15 1.25 -10.62
N VAL A 35 8.14 1.45 -9.31
CA VAL A 35 7.15 0.83 -8.44
C VAL A 35 5.74 1.19 -8.90
N MET A 36 5.50 2.49 -9.06
CA MET A 36 4.21 2.98 -9.50
C MET A 36 3.83 2.40 -10.87
N ARG A 37 4.81 2.35 -11.76
CA ARG A 37 4.59 1.81 -13.11
C ARG A 37 4.17 0.34 -13.04
N SER A 38 4.81 -0.41 -12.16
CA SER A 38 4.50 -1.82 -11.99
C SER A 38 3.07 -2.00 -11.48
N LEU A 39 2.63 -1.08 -10.62
CA LEU A 39 1.27 -1.13 -10.06
C LEU A 39 0.22 -0.94 -11.14
N GLY A 40 0.64 -0.42 -12.29
CA GLY A 40 -0.29 -0.21 -13.38
C GLY A 40 -0.71 1.25 -13.52
N GLN A 41 0.07 2.13 -12.90
CA GLN A 41 -0.21 3.56 -12.96
C GLN A 41 0.98 4.29 -13.57
N ASN A 42 0.72 5.32 -14.36
CA ASN A 42 1.80 6.06 -15.00
C ASN A 42 1.65 7.57 -14.75
N PRO A 43 2.15 8.05 -13.61
CA PRO A 43 2.10 9.46 -13.25
C PRO A 43 3.26 10.25 -13.85
N THR A 44 3.09 11.56 -13.93
CA THR A 44 4.12 12.44 -14.46
C THR A 44 5.15 12.78 -13.38
N GLU A 45 6.14 13.60 -13.74
CA GLU A 45 7.19 14.00 -12.79
C GLU A 45 6.60 14.67 -11.55
N ALA A 46 5.74 15.67 -11.76
CA ALA A 46 5.11 16.39 -10.65
C ALA A 46 4.18 15.47 -9.87
N GLU A 47 3.69 14.45 -10.56
CA GLU A 47 2.79 13.47 -9.95
C GLU A 47 3.58 12.41 -9.18
N LEU A 48 4.88 12.63 -9.08
CA LEU A 48 5.77 11.71 -8.36
C LEU A 48 6.64 12.49 -7.37
N GLN A 49 7.17 13.63 -7.81
CA GLN A 49 8.01 14.46 -6.95
C GLN A 49 7.23 14.99 -5.76
N ASP A 50 6.02 15.46 -6.02
CA ASP A 50 5.15 16.01 -4.97
C ASP A 50 4.75 14.92 -4.00
N MET A 51 4.80 13.67 -4.46
CA MET A 51 4.43 12.54 -3.63
C MET A 51 5.44 12.37 -2.51
N ILE A 52 6.73 12.41 -2.85
CA ILE A 52 7.77 12.32 -1.84
C ILE A 52 7.57 13.42 -0.79
N ASN A 53 7.48 14.66 -1.27
CA ASN A 53 7.24 15.84 -0.41
C ASN A 53 6.00 15.61 0.45
N GLU A 54 5.04 14.92 -0.15
CA GLU A 54 3.79 14.55 0.54
C GLU A 54 4.12 13.87 1.88
N VAL A 55 5.21 13.07 1.88
CA VAL A 55 5.65 12.36 3.08
C VAL A 55 6.71 13.18 3.82
N ASP A 56 7.57 13.87 3.05
CA ASP A 56 8.65 14.69 3.59
C ASP A 56 8.16 15.69 4.64
N ALA A 57 8.87 15.76 5.75
CA ALA A 57 8.51 16.67 6.83
C ALA A 57 9.73 17.43 7.35
N ASP A 58 10.91 17.09 6.85
CA ASP A 58 12.13 17.75 7.28
C ASP A 58 12.58 18.82 6.29
N GLY A 59 11.96 18.85 5.12
CA GLY A 59 12.33 19.83 4.13
C GLY A 59 13.55 19.42 3.32
N ASN A 60 13.64 18.14 2.99
CA ASN A 60 14.76 17.64 2.20
C ASN A 60 14.26 17.07 0.88
N GLY A 61 12.96 16.82 0.81
CA GLY A 61 12.35 16.31 -0.42
C GLY A 61 12.66 14.85 -0.69
N THR A 62 12.74 14.04 0.35
CA THR A 62 13.03 12.62 0.20
C THR A 62 12.63 11.84 1.45
N ILE A 63 11.88 10.75 1.26
CA ILE A 63 11.47 9.91 2.37
C ILE A 63 12.73 9.30 2.99
N ASP A 64 12.96 9.56 4.27
CA ASP A 64 14.17 9.08 4.94
C ASP A 64 13.76 8.11 6.04
N PHE A 65 14.44 8.12 7.20
CA PHE A 65 14.11 7.20 8.28
C PHE A 65 13.01 7.76 9.20
N PRO A 66 13.11 9.01 9.70
CA PRO A 66 12.07 9.59 10.55
C PRO A 66 10.69 9.52 9.87
N GLU A 67 10.63 10.00 8.62
CA GLU A 67 9.39 9.98 7.84
C GLU A 67 8.93 8.54 7.61
N PHE A 68 9.91 7.65 7.69
CA PHE A 68 9.67 6.23 7.52
C PHE A 68 8.94 5.69 8.74
N LEU A 69 9.36 6.15 9.90
CA LEU A 69 8.76 5.73 11.17
C LEU A 69 7.44 6.48 11.39
N THR A 70 7.38 7.74 10.97
CA THR A 70 6.19 8.55 11.12
C THR A 70 5.01 7.94 10.35
N MET A 71 5.31 7.43 9.16
CA MET A 71 4.31 6.79 8.30
C MET A 71 3.76 5.52 8.93
N MET A 72 4.52 4.98 9.86
CA MET A 72 4.16 3.75 10.55
C MET A 72 3.00 4.00 11.51
N ALA A 73 2.93 5.21 12.04
CA ALA A 73 1.88 5.57 12.97
C ALA A 73 0.79 6.38 12.29
N ARG A 74 1.16 7.57 11.81
CA ARG A 74 0.24 8.48 11.11
C ARG A 74 -0.78 7.77 10.22
N LYS A 75 -0.32 7.18 9.14
CA LYS A 75 -1.20 6.52 8.19
C LYS A 75 -1.96 5.35 8.81
N MET A 76 -1.42 4.78 9.87
CA MET A 76 -2.07 3.65 10.55
C MET A 76 -3.25 4.11 11.39
N LYS A 77 -3.22 5.37 11.83
CA LYS A 77 -4.29 5.92 12.65
C LYS A 77 -5.16 6.88 11.85
N ASP A 78 -4.68 7.30 10.69
CA ASP A 78 -5.42 8.22 9.83
C ASP A 78 -5.79 7.54 8.52
N THR A 79 -5.94 6.22 8.58
CA THR A 79 -6.30 5.44 7.41
C THR A 79 -7.72 5.78 6.95
N ASP A 80 -8.65 5.76 7.88
CA ASP A 80 -10.04 6.07 7.57
C ASP A 80 -10.31 7.53 7.87
N SER A 81 -10.17 8.37 6.86
CA SER A 81 -10.40 9.80 7.04
C SER A 81 -11.36 10.36 5.99
N GLU A 82 -11.00 10.22 4.70
CA GLU A 82 -11.85 10.72 3.62
C GLU A 82 -11.35 10.19 2.27
N GLU A 83 -10.39 10.88 1.67
CA GLU A 83 -9.85 10.48 0.37
C GLU A 83 -8.87 9.33 0.50
N GLU A 84 -8.43 9.06 1.72
CA GLU A 84 -7.49 7.96 1.98
C GLU A 84 -8.05 6.64 1.46
N ILE A 85 -9.35 6.45 1.65
CA ILE A 85 -10.03 5.23 1.23
C ILE A 85 -10.02 5.10 -0.30
N ARG A 86 -9.93 6.22 -1.00
CA ARG A 86 -9.94 6.20 -2.44
C ARG A 86 -8.50 6.04 -2.93
N GLU A 87 -7.57 6.46 -2.08
CA GLU A 87 -6.15 6.35 -2.37
C GLU A 87 -5.79 4.90 -2.60
N ALA A 88 -6.07 4.05 -1.60
CA ALA A 88 -5.78 2.63 -1.74
C ALA A 88 -6.60 2.03 -2.87
N PHE A 89 -7.87 2.41 -2.96
CA PHE A 89 -8.73 1.91 -4.03
C PHE A 89 -8.11 2.22 -5.40
N ARG A 90 -7.48 3.39 -5.49
CA ARG A 90 -6.85 3.85 -6.73
C ARG A 90 -5.63 3.01 -7.08
N VAL A 91 -4.97 2.43 -6.08
CA VAL A 91 -3.80 1.60 -6.34
C VAL A 91 -4.12 0.11 -6.12
N PHE A 92 -5.40 -0.17 -5.94
CA PHE A 92 -5.86 -1.53 -5.73
C PHE A 92 -6.70 -1.95 -6.92
N ASP A 93 -6.64 -1.12 -7.96
CA ASP A 93 -7.37 -1.33 -9.19
C ASP A 93 -6.54 -0.81 -10.35
N LYS A 94 -6.77 -1.34 -11.53
CA LYS A 94 -6.02 -0.93 -12.70
C LYS A 94 -6.96 -0.66 -13.88
N ASP A 95 -8.04 -1.42 -13.95
CA ASP A 95 -9.01 -1.26 -15.04
C ASP A 95 -9.94 -0.08 -14.76
N GLY A 96 -10.25 0.15 -13.48
CA GLY A 96 -11.13 1.24 -13.11
C GLY A 96 -12.58 0.85 -13.33
N ASN A 97 -13.09 -0.03 -12.47
CA ASN A 97 -14.47 -0.50 -12.60
C ASN A 97 -15.21 -0.36 -11.27
N GLY A 98 -14.53 -0.71 -10.17
CA GLY A 98 -15.14 -0.59 -8.87
C GLY A 98 -15.09 -1.86 -8.05
N TYR A 99 -14.73 -2.99 -8.65
CA TYR A 99 -14.68 -4.25 -7.92
C TYR A 99 -13.39 -5.00 -8.27
N ILE A 100 -12.75 -5.61 -7.28
CA ILE A 100 -11.52 -6.35 -7.50
C ILE A 100 -11.66 -7.82 -7.05
N SER A 101 -11.11 -8.74 -7.85
CA SER A 101 -11.15 -10.18 -7.56
C SER A 101 -9.74 -10.75 -7.74
N ALA A 102 -9.62 -11.98 -8.31
CA ALA A 102 -8.31 -12.58 -8.60
C ALA A 102 -7.74 -11.92 -9.85
N ALA A 103 -7.81 -10.62 -9.79
CA ALA A 103 -7.38 -9.75 -10.86
C ALA A 103 -6.22 -8.86 -10.47
N GLU A 104 -6.51 -7.59 -10.30
CA GLU A 104 -5.52 -6.59 -9.98
C GLU A 104 -4.92 -6.78 -8.59
N LEU A 105 -5.55 -7.58 -7.73
CA LEU A 105 -5.03 -7.76 -6.38
C LEU A 105 -3.73 -8.56 -6.41
N ARG A 106 -3.78 -9.77 -6.98
CA ARG A 106 -2.60 -10.63 -7.10
C ARG A 106 -1.40 -9.85 -7.67
N HIS A 107 -1.64 -9.16 -8.78
CA HIS A 107 -0.59 -8.38 -9.42
C HIS A 107 -0.09 -7.27 -8.50
N VAL A 108 -1.01 -6.55 -7.88
CA VAL A 108 -0.65 -5.45 -6.98
C VAL A 108 0.27 -5.93 -5.85
N MET A 109 -0.08 -7.04 -5.19
CA MET A 109 0.73 -7.56 -4.10
C MET A 109 2.09 -8.00 -4.60
N THR A 110 2.10 -8.70 -5.73
CA THR A 110 3.34 -9.14 -6.35
C THR A 110 4.30 -7.95 -6.55
N ASN A 111 3.73 -6.79 -6.87
CA ASN A 111 4.52 -5.57 -7.07
C ASN A 111 5.10 -5.07 -5.76
N LEU A 112 4.43 -5.43 -4.66
CA LEU A 112 4.87 -5.02 -3.34
C LEU A 112 5.72 -6.10 -2.68
N GLY A 113 6.00 -7.16 -3.43
CA GLY A 113 6.80 -8.26 -2.92
C GLY A 113 6.13 -8.99 -1.77
N GLU A 114 4.81 -8.89 -1.72
CA GLU A 114 4.03 -9.53 -0.67
C GLU A 114 3.79 -10.99 -0.99
N LYS A 115 3.92 -11.85 0.02
CA LYS A 115 3.69 -13.27 -0.15
C LYS A 115 2.20 -13.59 -0.09
N LEU A 116 1.61 -13.86 -1.26
CA LEU A 116 0.19 -14.18 -1.33
C LEU A 116 -0.14 -14.98 -2.60
N THR A 117 -0.45 -16.26 -2.42
CA THR A 117 -0.84 -17.12 -3.53
C THR A 117 -2.37 -17.29 -3.49
N ASP A 118 -2.93 -17.98 -4.48
CA ASP A 118 -4.38 -18.21 -4.54
C ASP A 118 -5.03 -18.53 -3.19
N GLU A 119 -4.56 -19.57 -2.51
CA GLU A 119 -5.14 -19.97 -1.20
C GLU A 119 -4.96 -18.87 -0.14
N GLU A 120 -3.98 -18.03 -0.38
CA GLU A 120 -3.67 -16.95 0.54
C GLU A 120 -4.70 -15.84 0.37
N VAL A 121 -4.89 -15.38 -0.85
CA VAL A 121 -5.86 -14.34 -1.12
C VAL A 121 -7.28 -14.90 -1.01
N ASP A 122 -7.41 -16.22 -1.18
CA ASP A 122 -8.71 -16.89 -1.08
C ASP A 122 -9.32 -16.59 0.28
N GLU A 123 -8.52 -16.80 1.33
CA GLU A 123 -8.96 -16.51 2.67
C GLU A 123 -9.28 -15.01 2.76
N MET A 124 -8.39 -14.22 2.17
CA MET A 124 -8.54 -12.76 2.13
C MET A 124 -9.82 -12.35 1.39
N ILE A 125 -10.39 -13.26 0.61
CA ILE A 125 -11.59 -12.95 -0.13
C ILE A 125 -12.75 -13.05 0.83
N ARG A 126 -12.78 -14.14 1.60
CA ARG A 126 -13.83 -14.35 2.61
C ARG A 126 -13.57 -13.47 3.82
N GLU A 127 -12.49 -12.72 3.75
CA GLU A 127 -12.09 -11.80 4.80
C GLU A 127 -12.77 -10.45 4.58
N ALA A 128 -12.79 -10.00 3.33
CA ALA A 128 -13.39 -8.72 2.99
C ALA A 128 -14.60 -8.88 2.06
N ASP A 129 -15.29 -10.01 2.14
CA ASP A 129 -16.44 -10.25 1.29
C ASP A 129 -17.74 -10.25 2.10
N ILE A 130 -17.94 -9.20 2.88
CA ILE A 130 -19.17 -9.05 3.69
C ILE A 130 -20.43 -9.29 2.88
N ASP A 131 -20.50 -8.73 1.66
CA ASP A 131 -21.68 -8.90 0.82
C ASP A 131 -21.84 -10.38 0.44
N GLY A 132 -20.73 -11.08 0.30
CA GLY A 132 -20.78 -12.49 -0.01
C GLY A 132 -20.99 -12.79 -1.48
N ASP A 133 -20.09 -12.33 -2.33
CA ASP A 133 -20.18 -12.60 -3.76
C ASP A 133 -18.83 -13.13 -4.26
N GLY A 134 -17.96 -13.37 -3.29
CA GLY A 134 -16.61 -13.82 -3.60
C GLY A 134 -15.83 -12.74 -4.29
N GLN A 135 -15.72 -11.58 -3.65
CA GLN A 135 -15.03 -10.45 -4.22
C GLN A 135 -14.89 -9.30 -3.22
N VAL A 136 -14.15 -8.29 -3.64
CA VAL A 136 -13.92 -7.10 -2.80
C VAL A 136 -14.18 -5.84 -3.62
N ASN A 137 -14.76 -4.83 -3.00
CA ASN A 137 -15.05 -3.58 -3.68
C ASN A 137 -14.84 -2.40 -2.73
N TYR A 138 -15.18 -1.20 -3.18
CA TYR A 138 -15.02 -0.01 -2.37
C TYR A 138 -15.90 -0.07 -1.12
N GLU A 139 -17.16 -0.41 -1.32
CA GLU A 139 -18.14 -0.47 -0.22
C GLU A 139 -17.76 -1.49 0.87
N GLU A 140 -17.12 -2.59 0.48
CA GLU A 140 -16.75 -3.62 1.44
C GLU A 140 -15.49 -3.24 2.19
N PHE A 141 -14.43 -2.88 1.48
CA PHE A 141 -13.18 -2.49 2.11
C PHE A 141 -13.38 -1.28 3.00
N VAL A 142 -14.35 -0.43 2.66
CA VAL A 142 -14.67 0.76 3.46
C VAL A 142 -14.95 0.38 4.92
N GLN A 143 -15.68 -0.72 5.12
CA GLN A 143 -16.03 -1.18 6.46
C GLN A 143 -14.77 -1.65 7.19
N MET A 144 -13.94 -2.41 6.49
CA MET A 144 -12.71 -2.93 7.08
C MET A 144 -11.73 -1.78 7.35
N MET A 145 -11.75 -0.76 6.50
CA MET A 145 -10.88 0.40 6.65
C MET A 145 -10.98 1.06 8.02
N THR A 146 -12.09 0.87 8.72
CA THR A 146 -12.26 1.47 10.03
C THR A 146 -12.09 0.42 11.12
N ALA A 147 -12.49 -0.81 10.83
CA ALA A 147 -12.39 -1.90 11.78
C ALA A 147 -11.74 -3.14 11.16
N MET B 1 1.44 8.13 -1.46
CA MET B 1 0.95 7.27 -2.53
C MET B 1 1.41 5.85 -2.30
N ASP B 2 2.72 5.64 -2.33
CA ASP B 2 3.30 4.32 -2.13
C ASP B 2 3.45 4.00 -0.65
N CYS B 3 4.14 4.87 0.07
CA CYS B 3 4.36 4.69 1.51
C CYS B 3 3.02 4.50 2.23
N LEU B 4 2.00 5.21 1.78
CA LEU B 4 0.69 5.11 2.40
C LEU B 4 -0.03 3.86 1.93
N CYS B 5 0.17 3.47 0.67
CA CYS B 5 -0.44 2.26 0.14
C CYS B 5 0.14 1.04 0.85
N ILE B 6 1.45 1.09 1.10
CA ILE B 6 2.14 0.03 1.81
C ILE B 6 1.52 -0.17 3.20
N VAL B 7 1.30 0.94 3.90
CA VAL B 7 0.69 0.89 5.22
C VAL B 7 -0.76 0.39 5.14
N THR B 8 -1.50 0.88 4.16
CA THR B 8 -2.89 0.47 3.98
C THR B 8 -2.96 -1.02 3.63
N THR B 9 -1.99 -1.48 2.85
CA THR B 9 -1.90 -2.88 2.47
C THR B 9 -1.75 -3.72 3.73
N LYS B 10 -0.91 -3.22 4.64
CA LYS B 10 -0.66 -3.90 5.90
C LYS B 10 -1.95 -3.96 6.73
N LYS B 11 -2.74 -2.89 6.65
CA LYS B 11 -4.00 -2.81 7.38
C LYS B 11 -5.01 -3.79 6.80
N TYR B 12 -5.01 -3.92 5.47
CA TYR B 12 -5.92 -4.83 4.76
C TYR B 12 -5.53 -6.28 5.00
N ARG B 13 -4.26 -6.49 5.33
CA ARG B 13 -3.75 -7.84 5.57
C ARG B 13 -3.98 -8.28 7.01
N TYR B 14 -3.49 -7.48 7.95
CA TYR B 14 -3.64 -7.80 9.36
C TYR B 14 -5.01 -7.36 9.88
N GLN B 15 -6.05 -7.95 9.31
CA GLN B 15 -7.42 -7.63 9.71
C GLN B 15 -7.86 -8.50 10.88
N ASP B 16 -8.20 -9.75 10.58
CA ASP B 16 -8.66 -10.66 11.62
C ASP B 16 -8.22 -12.10 11.36
N GLU B 17 -8.59 -12.64 10.21
CA GLU B 17 -8.26 -14.02 9.88
C GLU B 17 -6.91 -14.13 9.20
N ASP B 18 -6.69 -13.31 8.17
CA ASP B 18 -5.42 -13.35 7.43
C ASP B 18 -4.27 -12.80 8.27
N LEU A 4 8.78 -1.19 19.37
CA LEU A 4 8.43 -1.77 18.08
C LEU A 4 8.07 -3.24 18.24
N THR A 5 6.91 -3.60 17.71
CA THR A 5 6.41 -4.97 17.79
C THR A 5 7.33 -5.97 17.08
N GLU A 6 7.72 -7.00 17.82
CA GLU A 6 8.56 -8.08 17.29
C GLU A 6 7.95 -8.61 16.00
N GLU A 7 6.63 -8.76 16.05
CA GLU A 7 5.81 -9.22 14.93
C GLU A 7 6.17 -8.54 13.61
N GLN A 8 6.58 -7.28 13.68
CA GLN A 8 6.98 -6.52 12.50
C GLN A 8 8.28 -5.79 12.76
N ILE A 9 9.17 -6.46 13.47
CA ILE A 9 10.46 -5.90 13.84
C ILE A 9 11.35 -5.64 12.63
N ALA A 10 11.08 -6.27 11.50
CA ALA A 10 11.90 -6.08 10.32
C ALA A 10 11.05 -5.71 9.10
N GLU A 11 9.79 -5.34 9.34
CA GLU A 11 8.90 -4.96 8.24
C GLU A 11 9.48 -3.80 7.44
N PHE A 12 9.81 -2.71 8.14
CA PHE A 12 10.44 -1.55 7.53
C PHE A 12 11.55 -1.94 6.56
N LYS A 13 12.39 -2.89 6.98
CA LYS A 13 13.50 -3.36 6.17
C LYS A 13 13.02 -4.06 4.90
N GLU A 14 11.91 -4.76 5.02
CA GLU A 14 11.33 -5.51 3.91
C GLU A 14 10.97 -4.57 2.76
N ALA A 15 10.21 -3.52 3.07
CA ALA A 15 9.85 -2.53 2.05
C ALA A 15 11.12 -1.95 1.42
N PHE A 16 11.99 -1.44 2.28
CA PHE A 16 13.29 -0.89 1.88
C PHE A 16 13.98 -1.83 0.88
N SER A 17 14.07 -3.08 1.28
CA SER A 17 14.68 -4.14 0.48
C SER A 17 14.03 -4.34 -0.90
N LEU A 18 12.86 -3.73 -1.15
CA LEU A 18 12.19 -3.88 -2.43
C LEU A 18 12.12 -2.58 -3.22
N PHE A 19 11.82 -1.47 -2.53
CA PHE A 19 11.72 -0.17 -3.20
C PHE A 19 13.08 0.34 -3.65
N ASP A 20 13.95 0.66 -2.70
CA ASP A 20 15.30 1.13 -2.99
C ASP A 20 16.02 0.11 -3.89
N LYS A 21 17.11 0.52 -4.53
CA LYS A 21 17.83 -0.36 -5.46
C LYS A 21 19.31 0.03 -5.44
N ASP A 22 19.53 1.34 -5.40
CA ASP A 22 20.88 1.92 -5.39
C ASP A 22 21.64 1.71 -4.07
N GLY A 23 21.15 0.83 -3.20
CA GLY A 23 21.82 0.53 -1.94
C GLY A 23 21.98 1.70 -0.98
N ASP A 24 21.29 2.80 -1.20
CA ASP A 24 21.39 3.94 -0.31
C ASP A 24 20.30 3.82 0.75
N GLY A 25 19.20 3.25 0.29
CA GLY A 25 18.06 2.98 1.14
C GLY A 25 17.14 4.16 1.35
N THR A 26 16.90 4.95 0.31
CA THR A 26 15.97 6.07 0.39
C THR A 26 15.20 6.07 -0.92
N ILE A 27 13.90 6.32 -0.87
CA ILE A 27 13.09 6.30 -2.08
C ILE A 27 13.01 7.66 -2.71
N THR A 28 13.66 7.85 -3.86
CA THR A 28 13.61 9.12 -4.54
C THR A 28 12.56 9.10 -5.66
N THR A 29 12.57 10.15 -6.47
CA THR A 29 11.62 10.28 -7.57
C THR A 29 11.73 9.14 -8.59
N LYS A 30 12.92 8.95 -9.16
CA LYS A 30 13.16 7.90 -10.16
C LYS A 30 12.82 6.49 -9.66
N GLU A 31 13.08 6.22 -8.40
CA GLU A 31 12.83 4.90 -7.83
C GLU A 31 11.33 4.68 -7.62
N LEU A 32 10.65 5.71 -7.15
CA LEU A 32 9.22 5.65 -6.89
C LEU A 32 8.43 5.46 -8.18
N GLY A 33 8.81 6.22 -9.21
CA GLY A 33 8.12 6.14 -10.49
C GLY A 33 8.08 4.74 -11.07
N THR A 34 9.14 3.99 -10.85
CA THR A 34 9.22 2.62 -11.35
C THR A 34 8.18 1.73 -10.66
N VAL A 35 8.20 1.77 -9.33
CA VAL A 35 7.27 0.98 -8.52
C VAL A 35 5.81 1.31 -8.87
N MET A 36 5.51 2.60 -8.90
CA MET A 36 4.17 3.07 -9.21
C MET A 36 3.71 2.63 -10.60
N ARG A 37 4.60 2.75 -11.58
CA ARG A 37 4.28 2.38 -12.96
C ARG A 37 4.04 0.87 -13.08
N SER A 38 4.81 0.09 -12.35
CA SER A 38 4.68 -1.37 -12.38
C SER A 38 3.33 -1.82 -11.87
N LEU A 39 2.75 -1.04 -10.96
CA LEU A 39 1.45 -1.35 -10.39
C LEU A 39 0.35 -1.23 -11.44
N GLY A 40 0.57 -0.34 -12.42
CA GLY A 40 -0.41 -0.17 -13.47
C GLY A 40 -0.88 1.26 -13.66
N GLN A 41 -0.21 2.21 -13.04
CA GLN A 41 -0.60 3.61 -13.16
C GLN A 41 0.48 4.41 -13.89
N ASN A 42 0.05 5.42 -14.62
CA ASN A 42 0.97 6.27 -15.36
C ASN A 42 0.92 7.70 -14.83
N PRO A 43 1.92 8.10 -14.03
CA PRO A 43 1.99 9.42 -13.44
C PRO A 43 2.86 10.39 -14.24
N THR A 44 3.03 11.59 -13.70
CA THR A 44 3.86 12.62 -14.30
C THR A 44 5.04 12.92 -13.39
N GLU A 45 5.83 13.94 -13.70
CA GLU A 45 6.98 14.29 -12.87
C GLU A 45 6.50 14.90 -11.56
N ALA A 46 5.58 15.85 -11.65
CA ALA A 46 5.04 16.52 -10.46
C ALA A 46 4.18 15.55 -9.66
N GLU A 47 3.78 14.48 -10.31
CA GLU A 47 2.95 13.46 -9.69
C GLU A 47 3.77 12.60 -8.74
N LEU A 48 5.08 12.56 -8.98
CA LEU A 48 5.98 11.77 -8.15
C LEU A 48 6.83 12.67 -7.24
N GLN A 49 7.22 13.83 -7.74
CA GLN A 49 8.03 14.75 -6.96
C GLN A 49 7.26 15.29 -5.77
N ASP A 50 5.94 15.41 -5.91
CA ASP A 50 5.10 15.89 -4.83
C ASP A 50 4.80 14.77 -3.85
N MET A 51 5.04 13.53 -4.28
CA MET A 51 4.80 12.36 -3.45
C MET A 51 5.76 12.33 -2.26
N ILE A 52 7.05 12.43 -2.53
CA ILE A 52 8.04 12.46 -1.46
C ILE A 52 7.69 13.58 -0.47
N ASN A 53 7.52 14.78 -1.01
CA ASN A 53 7.11 15.96 -0.21
C ASN A 53 5.92 15.61 0.69
N GLU A 54 5.01 14.86 0.09
CA GLU A 54 3.78 14.38 0.77
C GLU A 54 4.14 13.72 2.12
N VAL A 55 5.13 12.83 2.11
CA VAL A 55 5.53 12.14 3.34
C VAL A 55 6.64 12.90 4.06
N ASP A 56 7.49 13.56 3.30
CA ASP A 56 8.63 14.31 3.83
C ASP A 56 8.21 15.36 4.85
N ALA A 57 8.93 15.41 5.96
CA ALA A 57 8.64 16.37 7.01
C ALA A 57 9.91 16.98 7.58
N ASP A 58 11.06 16.56 7.04
CA ASP A 58 12.34 17.06 7.51
C ASP A 58 12.88 18.13 6.57
N GLY A 59 12.26 18.25 5.40
CA GLY A 59 12.68 19.25 4.44
C GLY A 59 13.75 18.78 3.49
N ASN A 60 14.01 17.47 3.45
CA ASN A 60 15.03 16.94 2.56
C ASN A 60 14.40 16.57 1.21
N GLY A 61 13.08 16.40 1.21
CA GLY A 61 12.36 16.07 -0.01
C GLY A 61 12.52 14.62 -0.42
N THR A 62 12.59 13.73 0.55
CA THR A 62 12.74 12.30 0.27
C THR A 62 12.31 11.47 1.49
N ILE A 63 11.56 10.40 1.25
CA ILE A 63 11.17 9.52 2.35
C ILE A 63 12.43 8.82 2.83
N ASP A 64 12.79 9.04 4.10
CA ASP A 64 14.03 8.46 4.64
C ASP A 64 13.68 7.53 5.81
N PHE A 65 14.41 7.61 6.92
CA PHE A 65 14.14 6.74 8.05
C PHE A 65 13.04 7.30 8.96
N PRO A 66 13.11 8.58 9.38
CA PRO A 66 12.08 9.18 10.25
C PRO A 66 10.67 9.04 9.67
N GLU A 67 10.49 9.53 8.43
CA GLU A 67 9.21 9.44 7.74
C GLU A 67 8.76 7.99 7.57
N PHE A 68 9.72 7.09 7.67
CA PHE A 68 9.44 5.66 7.56
C PHE A 68 8.82 5.15 8.84
N LEU A 69 9.11 5.85 9.93
CA LEU A 69 8.56 5.50 11.24
C LEU A 69 7.30 6.32 11.48
N THR A 70 7.24 7.48 10.83
CA THR A 70 6.10 8.38 10.97
C THR A 70 4.91 7.89 10.15
N MET A 71 5.16 7.48 8.90
CA MET A 71 4.09 6.98 8.03
C MET A 71 3.54 5.67 8.58
N MET A 72 4.31 5.06 9.47
CA MET A 72 3.94 3.81 10.09
C MET A 72 2.74 4.03 11.01
N ALA A 73 2.66 5.24 11.55
CA ALA A 73 1.58 5.61 12.43
C ALA A 73 0.51 6.39 11.67
N ARG A 74 0.95 7.48 11.00
CA ARG A 74 0.08 8.34 10.18
C ARG A 74 -1.14 7.62 9.58
N LYS A 75 -0.88 6.70 8.64
CA LYS A 75 -1.96 5.98 7.97
C LYS A 75 -2.62 4.95 8.87
N MET A 76 -1.89 4.47 9.87
CA MET A 76 -2.43 3.49 10.80
C MET A 76 -3.50 4.13 11.68
N LYS A 77 -3.29 5.39 12.03
CA LYS A 77 -4.24 6.12 12.88
C LYS A 77 -5.34 6.73 12.02
N ASP A 78 -4.95 7.40 10.95
CA ASP A 78 -5.90 8.04 10.05
C ASP A 78 -6.05 7.25 8.77
N THR A 79 -6.62 6.06 8.88
CA THR A 79 -6.82 5.20 7.73
C THR A 79 -8.07 5.63 6.97
N ASP A 80 -9.10 6.02 7.71
CA ASP A 80 -10.34 6.49 7.13
C ASP A 80 -10.49 7.98 7.40
N SER A 81 -10.45 8.77 6.34
CA SER A 81 -10.57 10.21 6.47
C SER A 81 -11.48 10.78 5.38
N GLU A 82 -11.06 10.63 4.12
CA GLU A 82 -11.87 11.13 3.02
C GLU A 82 -11.53 10.41 1.73
N GLU A 83 -10.29 10.53 1.26
CA GLU A 83 -9.90 9.89 0.01
C GLU A 83 -8.93 8.73 0.23
N GLU A 84 -8.50 8.53 1.48
CA GLU A 84 -7.56 7.44 1.80
C GLU A 84 -8.14 6.09 1.37
N ILE A 85 -9.45 5.94 1.50
CA ILE A 85 -10.13 4.71 1.14
C ILE A 85 -10.06 4.48 -0.37
N ARG A 86 -10.02 5.58 -1.13
CA ARG A 86 -9.98 5.48 -2.58
C ARG A 86 -8.53 5.40 -3.01
N GLU A 87 -7.67 5.94 -2.15
CA GLU A 87 -6.23 5.93 -2.36
C GLU A 87 -5.73 4.49 -2.44
N ALA A 88 -6.00 3.72 -1.39
CA ALA A 88 -5.59 2.32 -1.37
C ALA A 88 -6.26 1.59 -2.53
N PHE A 89 -7.55 1.84 -2.72
CA PHE A 89 -8.27 1.22 -3.82
C PHE A 89 -7.62 1.57 -5.15
N ARG A 90 -7.08 2.77 -5.23
CA ARG A 90 -6.41 3.26 -6.42
C ARG A 90 -5.17 2.43 -6.71
N VAL A 91 -4.55 1.90 -5.65
CA VAL A 91 -3.35 1.08 -5.80
C VAL A 91 -3.71 -0.40 -5.71
N PHE A 92 -5.00 -0.69 -5.60
CA PHE A 92 -5.48 -2.07 -5.51
C PHE A 92 -6.37 -2.41 -6.70
N ASP A 93 -6.38 -1.51 -7.67
CA ASP A 93 -7.18 -1.68 -8.88
C ASP A 93 -6.40 -1.14 -10.07
N LYS A 94 -6.67 -1.64 -11.26
CA LYS A 94 -5.96 -1.19 -12.45
C LYS A 94 -6.93 -0.99 -13.61
N ASP A 95 -7.97 -1.82 -13.67
CA ASP A 95 -8.95 -1.72 -14.74
C ASP A 95 -9.89 -0.54 -14.50
N GLY A 96 -10.05 -0.18 -13.23
CA GLY A 96 -10.92 0.90 -12.87
C GLY A 96 -12.36 0.53 -13.11
N ASN A 97 -12.91 -0.30 -12.24
CA ASN A 97 -14.29 -0.74 -12.37
C ASN A 97 -14.99 -0.65 -11.04
N GLY A 98 -14.21 -0.72 -9.96
CA GLY A 98 -14.77 -0.61 -8.64
C GLY A 98 -14.74 -1.90 -7.83
N TYR A 99 -14.33 -3.02 -8.42
CA TYR A 99 -14.31 -4.29 -7.70
C TYR A 99 -13.05 -5.08 -8.04
N ILE A 100 -12.48 -5.77 -7.05
CA ILE A 100 -11.29 -6.60 -7.27
C ILE A 100 -11.47 -8.00 -6.72
N SER A 101 -10.69 -8.95 -7.24
CA SER A 101 -10.70 -10.34 -6.83
C SER A 101 -9.34 -10.97 -7.16
N ALA A 102 -9.30 -12.18 -7.72
CA ALA A 102 -8.03 -12.81 -8.12
C ALA A 102 -7.57 -12.21 -9.45
N ALA A 103 -7.91 -10.95 -9.55
CA ALA A 103 -7.64 -10.13 -10.71
C ALA A 103 -6.40 -9.27 -10.48
N GLU A 104 -6.62 -7.98 -10.38
CA GLU A 104 -5.55 -7.01 -10.17
C GLU A 104 -4.83 -7.20 -8.84
N LEU A 105 -5.40 -7.99 -7.93
CA LEU A 105 -4.79 -8.18 -6.62
C LEU A 105 -3.48 -8.95 -6.73
N ARG A 106 -3.52 -10.11 -7.40
CA ARG A 106 -2.33 -10.94 -7.61
C ARG A 106 -1.16 -10.10 -8.13
N HIS A 107 -1.46 -9.18 -9.03
CA HIS A 107 -0.43 -8.31 -9.61
C HIS A 107 0.02 -7.24 -8.60
N VAL A 108 -0.93 -6.80 -7.77
CA VAL A 108 -0.68 -5.78 -6.77
C VAL A 108 0.38 -6.21 -5.74
N MET A 109 0.16 -7.34 -5.09
CA MET A 109 1.08 -7.82 -4.05
C MET A 109 2.48 -8.04 -4.59
N THR A 110 2.59 -8.80 -5.68
CA THR A 110 3.87 -9.09 -6.31
C THR A 110 4.71 -7.82 -6.57
N ASN A 111 4.04 -6.70 -6.79
CA ASN A 111 4.75 -5.46 -7.07
C ASN A 111 4.96 -4.61 -5.82
N LEU A 112 3.95 -4.54 -4.96
CA LEU A 112 4.03 -3.73 -3.74
C LEU A 112 5.07 -4.28 -2.77
N GLY A 113 5.08 -5.59 -2.57
CA GLY A 113 6.04 -6.17 -1.65
C GLY A 113 5.39 -6.95 -0.54
N GLU A 114 4.73 -8.06 -0.90
CA GLU A 114 4.07 -8.88 0.08
C GLU A 114 3.98 -10.34 -0.40
N LYS A 115 4.02 -11.25 0.55
CA LYS A 115 3.95 -12.68 0.26
C LYS A 115 2.48 -13.11 0.25
N LEU A 116 1.93 -13.35 -0.94
CA LEU A 116 0.54 -13.75 -1.05
C LEU A 116 0.29 -14.65 -2.26
N THR A 117 0.13 -15.94 -2.00
CA THR A 117 -0.18 -16.90 -3.05
C THR A 117 -1.71 -17.00 -3.16
N ASP A 118 -2.22 -17.76 -4.12
CA ASP A 118 -3.67 -17.94 -4.27
C ASP A 118 -4.37 -18.21 -2.94
N GLU A 119 -3.82 -19.13 -2.15
CA GLU A 119 -4.38 -19.49 -0.85
C GLU A 119 -4.37 -18.29 0.11
N GLU A 120 -3.49 -17.35 -0.19
CA GLU A 120 -3.34 -16.16 0.65
C GLU A 120 -4.43 -15.18 0.31
N VAL A 121 -4.58 -14.88 -0.98
CA VAL A 121 -5.61 -13.95 -1.42
C VAL A 121 -7.00 -14.49 -1.13
N ASP A 122 -7.20 -15.79 -1.38
CA ASP A 122 -8.50 -16.42 -1.14
C ASP A 122 -8.96 -16.14 0.28
N GLU A 123 -8.07 -16.33 1.25
CA GLU A 123 -8.40 -16.05 2.64
C GLU A 123 -8.84 -14.59 2.78
N MET A 124 -8.00 -13.70 2.25
CA MET A 124 -8.24 -12.27 2.29
C MET A 124 -9.51 -11.87 1.54
N ILE A 125 -10.04 -12.75 0.71
CA ILE A 125 -11.23 -12.41 -0.05
C ILE A 125 -12.43 -12.61 0.84
N ARG A 126 -12.50 -13.76 1.50
CA ARG A 126 -13.58 -14.07 2.43
C ARG A 126 -13.40 -13.25 3.71
N GLU A 127 -12.27 -12.56 3.74
CA GLU A 127 -11.90 -11.71 4.85
C GLU A 127 -12.60 -10.35 4.70
N ALA A 128 -12.63 -9.84 3.47
CA ALA A 128 -13.25 -8.53 3.21
C ALA A 128 -14.54 -8.64 2.40
N ASP A 129 -14.98 -9.84 2.09
CA ASP A 129 -16.19 -10.04 1.28
C ASP A 129 -17.45 -10.06 2.14
N ILE A 130 -17.62 -9.03 2.96
CA ILE A 130 -18.80 -8.88 3.81
C ILE A 130 -20.11 -9.12 3.03
N ASP A 131 -20.25 -8.50 1.87
CA ASP A 131 -21.45 -8.66 1.05
C ASP A 131 -21.64 -10.12 0.62
N GLY A 132 -20.52 -10.80 0.36
CA GLY A 132 -20.58 -12.19 -0.01
C GLY A 132 -20.84 -12.44 -1.48
N ASP A 133 -20.00 -11.90 -2.36
CA ASP A 133 -20.14 -12.11 -3.80
C ASP A 133 -18.81 -12.60 -4.34
N GLY A 134 -17.92 -12.89 -3.40
CA GLY A 134 -16.59 -13.36 -3.72
C GLY A 134 -15.79 -12.26 -4.40
N GLN A 135 -15.71 -11.10 -3.78
CA GLN A 135 -15.00 -9.96 -4.33
C GLN A 135 -14.84 -8.87 -3.28
N VAL A 136 -14.00 -7.90 -3.61
CA VAL A 136 -13.72 -6.76 -2.73
C VAL A 136 -13.99 -5.48 -3.50
N ASN A 137 -14.64 -4.52 -2.86
CA ASN A 137 -14.93 -3.25 -3.52
C ASN A 137 -14.84 -2.11 -2.52
N TYR A 138 -15.14 -0.91 -2.97
CA TYR A 138 -15.08 0.27 -2.12
C TYR A 138 -16.06 0.14 -0.94
N GLU A 139 -17.30 -0.22 -1.25
CA GLU A 139 -18.36 -0.36 -0.24
C GLU A 139 -17.96 -1.30 0.91
N GLU A 140 -17.19 -2.32 0.59
CA GLU A 140 -16.77 -3.28 1.60
C GLU A 140 -15.53 -2.78 2.35
N PHE A 141 -14.53 -2.30 1.62
CA PHE A 141 -13.31 -1.79 2.23
C PHE A 141 -13.58 -0.67 3.23
N VAL A 142 -14.63 0.12 2.98
CA VAL A 142 -15.00 1.22 3.88
C VAL A 142 -15.06 0.74 5.34
N GLN A 143 -15.71 -0.40 5.57
CA GLN A 143 -15.83 -0.95 6.91
C GLN A 143 -14.48 -1.46 7.40
N MET A 144 -13.74 -2.13 6.51
CA MET A 144 -12.44 -2.68 6.84
C MET A 144 -11.46 -1.59 7.27
N MET A 145 -11.51 -0.47 6.54
CA MET A 145 -10.62 0.67 6.81
C MET A 145 -10.67 1.17 8.26
N THR A 146 -11.76 0.91 8.98
CA THR A 146 -11.84 1.38 10.35
C THR A 146 -11.78 0.21 11.33
N ALA A 147 -12.30 -0.93 10.93
CA ALA A 147 -12.31 -2.12 11.77
C ALA A 147 -10.94 -2.78 11.79
N MET B 1 1.37 8.02 -0.38
CA MET B 1 2.06 7.28 -1.42
C MET B 1 2.10 5.79 -1.09
N ASP B 2 2.96 5.07 -1.77
CA ASP B 2 3.10 3.64 -1.57
C ASP B 2 3.56 3.31 -0.15
N CYS B 3 4.24 4.25 0.50
CA CYS B 3 4.69 4.01 1.87
C CYS B 3 3.47 3.88 2.78
N LEU B 4 2.47 4.72 2.54
CA LEU B 4 1.24 4.71 3.30
C LEU B 4 0.38 3.54 2.83
N CYS B 5 0.37 3.30 1.52
CA CYS B 5 -0.40 2.20 0.96
C CYS B 5 0.14 0.88 1.46
N ILE B 6 1.46 0.77 1.61
CA ILE B 6 2.09 -0.44 2.12
C ILE B 6 1.58 -0.68 3.56
N VAL B 7 1.53 0.39 4.34
CA VAL B 7 1.02 0.32 5.71
C VAL B 7 -0.46 -0.08 5.70
N THR B 8 -1.21 0.49 4.76
CA THR B 8 -2.63 0.19 4.62
C THR B 8 -2.81 -1.27 4.19
N THR B 9 -1.91 -1.74 3.33
CA THR B 9 -1.94 -3.11 2.87
C THR B 9 -1.75 -4.05 4.04
N LYS B 10 -0.89 -3.63 4.98
CA LYS B 10 -0.64 -4.42 6.17
C LYS B 10 -1.89 -4.44 7.06
N LYS B 11 -2.59 -3.32 7.10
CA LYS B 11 -3.81 -3.20 7.90
C LYS B 11 -4.94 -4.04 7.28
N TYR B 12 -4.98 -4.09 5.95
CA TYR B 12 -6.00 -4.84 5.23
C TYR B 12 -5.73 -6.34 5.32
N ARG B 13 -4.45 -6.68 5.43
CA ARG B 13 -4.03 -8.08 5.51
C ARG B 13 -4.37 -8.70 6.86
N TYR B 14 -3.79 -8.15 7.91
CA TYR B 14 -3.99 -8.66 9.24
C TYR B 14 -5.31 -8.19 9.83
N GLN B 15 -6.38 -8.92 9.55
CA GLN B 15 -7.69 -8.57 10.07
C GLN B 15 -8.19 -9.62 11.06
N ASP B 16 -8.60 -10.79 10.57
CA ASP B 16 -9.08 -11.85 11.45
C ASP B 16 -8.69 -13.23 10.96
N GLU B 17 -9.04 -13.55 9.73
CA GLU B 17 -8.73 -14.86 9.17
C GLU B 17 -7.35 -14.85 8.53
N ASP B 18 -7.10 -13.89 7.67
CA ASP B 18 -5.82 -13.79 6.98
C ASP B 18 -4.74 -13.25 7.91
N LEU A 4 7.77 -1.03 18.83
CA LEU A 4 7.84 -1.82 17.61
C LEU A 4 7.79 -3.31 17.94
N THR A 5 6.73 -3.95 17.45
CA THR A 5 6.51 -5.37 17.66
C THR A 5 7.52 -6.22 16.90
N GLU A 6 8.05 -7.21 17.60
CA GLU A 6 9.03 -8.16 17.02
C GLU A 6 8.50 -8.71 15.70
N GLU A 7 7.20 -8.95 15.70
CA GLU A 7 6.47 -9.45 14.54
C GLU A 7 6.68 -8.57 13.31
N GLN A 8 6.98 -7.29 13.53
CA GLN A 8 7.21 -6.35 12.46
C GLN A 8 8.54 -5.64 12.69
N ILE A 9 9.42 -6.31 13.42
CA ILE A 9 10.71 -5.76 13.81
C ILE A 9 11.60 -5.37 12.62
N ALA A 10 11.34 -5.90 11.43
CA ALA A 10 12.18 -5.58 10.29
C ALA A 10 11.37 -5.38 9.00
N GLU A 11 10.09 -5.06 9.15
CA GLU A 11 9.25 -4.83 7.97
C GLU A 11 9.78 -3.67 7.15
N PHE A 12 10.02 -2.54 7.81
CA PHE A 12 10.60 -1.36 7.17
C PHE A 12 11.74 -1.74 6.22
N LYS A 13 12.66 -2.56 6.73
CA LYS A 13 13.81 -3.03 5.96
C LYS A 13 13.36 -3.86 4.77
N GLU A 14 12.34 -4.67 4.98
CA GLU A 14 11.79 -5.51 3.92
C GLU A 14 11.32 -4.64 2.75
N ALA A 15 10.46 -3.66 3.05
CA ALA A 15 9.94 -2.74 2.05
C ALA A 15 11.06 -1.98 1.36
N PHE A 16 11.84 -1.28 2.16
CA PHE A 16 13.01 -0.52 1.68
C PHE A 16 13.83 -1.34 0.68
N SER A 17 14.20 -2.54 1.11
CA SER A 17 14.97 -3.48 0.30
C SER A 17 14.29 -3.79 -1.05
N LEU A 18 12.99 -3.59 -1.15
CA LEU A 18 12.24 -3.85 -2.38
C LEU A 18 12.16 -2.61 -3.26
N PHE A 19 12.11 -1.46 -2.62
CA PHE A 19 12.00 -0.20 -3.32
C PHE A 19 13.36 0.28 -3.80
N ASP A 20 14.28 0.51 -2.86
CA ASP A 20 15.63 0.97 -3.21
C ASP A 20 16.28 0.01 -4.20
N LYS A 21 17.39 0.41 -4.79
CA LYS A 21 18.06 -0.40 -5.79
C LYS A 21 19.51 0.06 -5.85
N ASP A 22 19.66 1.38 -5.82
CA ASP A 22 20.95 2.06 -5.85
C ASP A 22 21.79 1.84 -4.58
N GLY A 23 21.41 0.86 -3.77
CA GLY A 23 22.16 0.51 -2.57
C GLY A 23 22.37 1.63 -1.56
N ASP A 24 21.51 2.64 -1.55
CA ASP A 24 21.66 3.72 -0.58
C ASP A 24 20.65 3.50 0.55
N GLY A 25 19.49 3.04 0.14
CA GLY A 25 18.43 2.72 1.06
C GLY A 25 17.44 3.84 1.32
N THR A 26 17.17 4.70 0.34
CA THR A 26 16.20 5.77 0.48
C THR A 26 15.48 5.90 -0.86
N ILE A 27 14.16 5.84 -0.83
CA ILE A 27 13.39 5.90 -2.06
C ILE A 27 13.30 7.33 -2.57
N THR A 28 13.87 7.57 -3.75
CA THR A 28 13.84 8.90 -4.33
C THR A 28 12.72 9.00 -5.35
N THR A 29 12.66 10.13 -6.05
CA THR A 29 11.64 10.36 -7.05
C THR A 29 11.63 9.27 -8.13
N LYS A 30 12.78 9.07 -8.76
CA LYS A 30 12.91 8.09 -9.82
C LYS A 30 12.64 6.66 -9.34
N GLU A 31 12.98 6.38 -8.09
CA GLU A 31 12.76 5.03 -7.56
C GLU A 31 11.29 4.81 -7.24
N LEU A 32 10.64 5.86 -6.76
CA LEU A 32 9.24 5.80 -6.38
C LEU A 32 8.34 5.56 -7.60
N GLY A 33 8.72 6.14 -8.73
CA GLY A 33 7.93 6.01 -9.95
C GLY A 33 8.03 4.64 -10.58
N THR A 34 9.15 3.95 -10.41
CA THR A 34 9.32 2.62 -10.99
C THR A 34 8.35 1.63 -10.34
N VAL A 35 8.34 1.64 -9.02
CA VAL A 35 7.46 0.78 -8.24
C VAL A 35 6.00 1.03 -8.66
N MET A 36 5.67 2.31 -8.76
CA MET A 36 4.34 2.76 -9.13
C MET A 36 4.01 2.32 -10.57
N ARG A 37 5.00 2.44 -11.44
CA ARG A 37 4.85 2.09 -12.85
C ARG A 37 4.56 0.59 -13.01
N SER A 38 5.21 -0.22 -12.18
CA SER A 38 5.02 -1.67 -12.21
C SER A 38 3.56 -2.01 -11.90
N LEU A 39 2.87 -1.09 -11.25
CA LEU A 39 1.47 -1.27 -10.91
C LEU A 39 0.59 -0.93 -12.12
N GLY A 40 1.19 -0.31 -13.13
CA GLY A 40 0.45 0.07 -14.31
C GLY A 40 0.34 1.58 -14.47
N GLN A 41 0.71 2.31 -13.44
CA GLN A 41 0.63 3.76 -13.47
C GLN A 41 1.82 4.37 -14.19
N ASN A 42 1.66 5.62 -14.62
CA ASN A 42 2.73 6.33 -15.33
C ASN A 42 2.45 7.83 -15.37
N PRO A 43 2.76 8.55 -14.28
CA PRO A 43 2.55 9.98 -14.17
C PRO A 43 3.77 10.81 -14.55
N THR A 44 3.64 12.12 -14.47
CA THR A 44 4.72 13.04 -14.78
C THR A 44 5.61 13.25 -13.56
N GLU A 45 6.67 14.04 -13.72
CA GLU A 45 7.61 14.31 -12.64
C GLU A 45 6.96 15.09 -11.50
N ALA A 46 6.15 16.08 -11.85
CA ALA A 46 5.47 16.90 -10.86
C ALA A 46 4.45 16.06 -10.10
N GLU A 47 3.93 15.05 -10.77
CA GLU A 47 2.95 14.16 -10.16
C GLU A 47 3.64 13.17 -9.23
N LEU A 48 4.92 12.91 -9.50
CA LEU A 48 5.71 12.01 -8.67
C LEU A 48 6.26 12.74 -7.45
N GLN A 49 6.86 13.90 -7.68
CA GLN A 49 7.44 14.69 -6.59
C GLN A 49 6.38 15.13 -5.61
N ASP A 50 5.17 15.32 -6.11
CA ASP A 50 4.05 15.69 -5.27
C ASP A 50 3.85 14.66 -4.17
N MET A 51 4.17 13.40 -4.50
CA MET A 51 4.03 12.30 -3.56
C MET A 51 5.05 12.42 -2.44
N ILE A 52 6.29 12.78 -2.76
CA ILE A 52 7.29 13.02 -1.73
C ILE A 52 6.72 13.92 -0.63
N ASN A 53 6.18 15.05 -1.08
CA ASN A 53 5.55 16.04 -0.19
C ASN A 53 4.50 15.36 0.74
N GLU A 54 3.91 14.30 0.21
CA GLU A 54 2.91 13.52 0.95
C GLU A 54 3.50 12.91 2.24
N VAL A 55 4.76 12.48 2.21
CA VAL A 55 5.42 11.88 3.38
C VAL A 55 6.48 12.81 4.01
N ASP A 56 7.29 13.45 3.16
CA ASP A 56 8.36 14.35 3.62
C ASP A 56 7.82 15.48 4.47
N ALA A 57 8.45 15.67 5.62
CA ALA A 57 8.07 16.72 6.53
C ALA A 57 9.32 17.36 7.14
N ASP A 58 10.49 16.91 6.72
CA ASP A 58 11.74 17.45 7.23
C ASP A 58 12.30 18.51 6.28
N GLY A 59 11.70 18.63 5.11
CA GLY A 59 12.13 19.64 4.15
C GLY A 59 13.34 19.23 3.32
N ASN A 60 13.67 17.94 3.30
CA ASN A 60 14.80 17.46 2.51
C ASN A 60 14.33 17.11 1.11
N GLY A 61 13.06 16.79 0.96
CA GLY A 61 12.50 16.48 -0.34
C GLY A 61 12.58 15.01 -0.73
N THR A 62 12.57 14.12 0.26
CA THR A 62 12.62 12.69 0.00
C THR A 62 12.25 11.89 1.26
N ILE A 63 11.51 10.79 1.08
CA ILE A 63 11.16 9.94 2.22
C ILE A 63 12.45 9.36 2.79
N ASP A 64 12.71 9.56 4.09
CA ASP A 64 13.93 9.06 4.70
C ASP A 64 13.58 7.97 5.72
N PHE A 65 14.34 7.83 6.79
CA PHE A 65 14.05 6.81 7.79
C PHE A 65 13.01 7.29 8.82
N PRO A 66 13.14 8.53 9.37
CA PRO A 66 12.14 9.05 10.32
C PRO A 66 10.74 9.01 9.73
N GLU A 67 10.61 9.55 8.51
CA GLU A 67 9.32 9.56 7.80
C GLU A 67 8.83 8.13 7.54
N PHE A 68 9.74 7.18 7.67
CA PHE A 68 9.42 5.76 7.50
C PHE A 68 8.84 5.20 8.79
N LEU A 69 9.19 5.80 9.92
CA LEU A 69 8.72 5.37 11.23
C LEU A 69 7.51 6.19 11.67
N THR A 70 7.49 7.45 11.27
CA THR A 70 6.39 8.34 11.63
C THR A 70 5.12 7.98 10.86
N MET A 71 5.27 7.62 9.59
CA MET A 71 4.11 7.25 8.76
C MET A 71 3.61 5.88 9.19
N MET A 72 4.41 5.22 10.03
CA MET A 72 4.07 3.90 10.54
C MET A 72 2.85 4.01 11.47
N ALA A 73 2.80 5.09 12.22
CA ALA A 73 1.71 5.33 13.15
C ALA A 73 0.66 6.22 12.49
N ARG A 74 1.10 7.36 11.95
CA ARG A 74 0.23 8.32 11.23
C ARG A 74 -0.81 7.62 10.35
N LYS A 75 -0.34 6.83 9.40
CA LYS A 75 -1.23 6.15 8.46
C LYS A 75 -1.96 4.95 9.08
N MET A 76 -1.58 4.59 10.30
CA MET A 76 -2.23 3.46 10.96
C MET A 76 -3.43 3.94 11.76
N LYS A 77 -3.30 5.11 12.36
CA LYS A 77 -4.40 5.68 13.15
C LYS A 77 -5.27 6.60 12.29
N ASP A 78 -4.72 7.09 11.19
CA ASP A 78 -5.47 7.97 10.29
C ASP A 78 -5.88 7.16 9.06
N THR A 79 -6.36 5.95 9.31
CA THR A 79 -6.79 5.03 8.27
C THR A 79 -8.03 5.52 7.51
N ASP A 80 -8.93 6.22 8.20
CA ASP A 80 -10.14 6.72 7.52
C ASP A 80 -10.31 8.20 7.78
N SER A 81 -10.60 8.93 6.71
CA SER A 81 -10.79 10.37 6.77
C SER A 81 -11.76 10.83 5.68
N GLU A 82 -11.43 10.51 4.43
CA GLU A 82 -12.27 10.91 3.30
C GLU A 82 -11.86 10.20 2.02
N GLU A 83 -10.63 10.41 1.60
CA GLU A 83 -10.13 9.81 0.38
C GLU A 83 -9.02 8.80 0.66
N GLU A 84 -8.75 8.57 1.94
CA GLU A 84 -7.70 7.64 2.36
C GLU A 84 -7.97 6.24 1.83
N ILE A 85 -9.22 5.81 1.97
CA ILE A 85 -9.63 4.49 1.51
C ILE A 85 -9.82 4.48 0.00
N ARG A 86 -9.81 5.67 -0.61
CA ARG A 86 -9.97 5.77 -2.05
C ARG A 86 -8.59 5.74 -2.67
N GLU A 87 -7.63 6.25 -1.91
CA GLU A 87 -6.24 6.29 -2.32
C GLU A 87 -5.77 4.85 -2.48
N ALA A 88 -5.97 4.08 -1.43
CA ALA A 88 -5.61 2.68 -1.39
C ALA A 88 -6.36 1.89 -2.46
N PHE A 89 -7.65 2.16 -2.57
CA PHE A 89 -8.47 1.48 -3.57
C PHE A 89 -7.92 1.72 -4.97
N ARG A 90 -7.44 2.93 -5.20
CA ARG A 90 -6.85 3.30 -6.49
C ARG A 90 -5.55 2.53 -6.72
N VAL A 91 -4.88 2.13 -5.64
CA VAL A 91 -3.63 1.37 -5.76
C VAL A 91 -3.91 -0.13 -5.60
N PHE A 92 -5.20 -0.46 -5.49
CA PHE A 92 -5.65 -1.84 -5.37
C PHE A 92 -6.50 -2.14 -6.60
N ASP A 93 -6.35 -1.25 -7.57
CA ASP A 93 -7.09 -1.32 -8.83
C ASP A 93 -6.16 -0.94 -9.97
N LYS A 94 -6.43 -1.47 -11.14
CA LYS A 94 -5.65 -1.16 -12.32
C LYS A 94 -6.55 -1.02 -13.54
N ASP A 95 -7.66 -1.76 -13.55
CA ASP A 95 -8.59 -1.72 -14.69
C ASP A 95 -9.62 -0.61 -14.53
N GLY A 96 -10.01 -0.31 -13.30
CA GLY A 96 -11.00 0.72 -13.07
C GLY A 96 -12.39 0.19 -13.33
N ASN A 97 -12.90 -0.62 -12.40
CA ASN A 97 -14.23 -1.18 -12.55
C ASN A 97 -15.03 -0.99 -11.25
N GLY A 98 -14.33 -0.91 -10.12
CA GLY A 98 -14.99 -0.71 -8.84
C GLY A 98 -14.90 -1.90 -7.91
N TYR A 99 -14.48 -3.06 -8.41
CA TYR A 99 -14.39 -4.28 -7.58
C TYR A 99 -13.16 -5.10 -7.95
N ILE A 100 -12.61 -5.82 -6.98
CA ILE A 100 -11.44 -6.66 -7.20
C ILE A 100 -11.62 -8.06 -6.60
N SER A 101 -10.77 -8.98 -7.03
CA SER A 101 -10.75 -10.36 -6.53
C SER A 101 -9.41 -11.00 -6.92
N ALA A 102 -9.41 -12.12 -7.67
CA ALA A 102 -8.15 -12.74 -8.13
C ALA A 102 -7.67 -11.99 -9.37
N ALA A 103 -7.93 -10.71 -9.29
CA ALA A 103 -7.63 -9.77 -10.34
C ALA A 103 -6.38 -8.97 -9.99
N GLU A 104 -6.58 -7.69 -9.75
CA GLU A 104 -5.49 -6.78 -9.42
C GLU A 104 -4.89 -7.05 -8.05
N LEU A 105 -5.48 -7.94 -7.25
CA LEU A 105 -4.92 -8.21 -5.93
C LEU A 105 -3.58 -8.94 -6.06
N ARG A 106 -3.60 -10.11 -6.67
CA ARG A 106 -2.40 -10.91 -6.88
C ARG A 106 -1.27 -10.06 -7.47
N HIS A 107 -1.57 -9.34 -8.55
CA HIS A 107 -0.59 -8.51 -9.23
C HIS A 107 -0.02 -7.42 -8.32
N VAL A 108 -0.87 -6.83 -7.49
CA VAL A 108 -0.45 -5.77 -6.58
C VAL A 108 0.52 -6.27 -5.52
N MET A 109 0.18 -7.38 -4.88
CA MET A 109 1.03 -7.92 -3.82
C MET A 109 2.36 -8.37 -4.38
N THR A 110 2.32 -9.11 -5.48
CA THR A 110 3.52 -9.58 -6.15
C THR A 110 4.51 -8.45 -6.43
N ASN A 111 3.97 -7.29 -6.83
CA ASN A 111 4.79 -6.12 -7.14
C ASN A 111 5.19 -5.38 -5.86
N LEU A 112 4.62 -5.79 -4.73
CA LEU A 112 4.92 -5.17 -3.45
C LEU A 112 5.85 -6.04 -2.61
N GLY A 113 6.17 -7.22 -3.10
CA GLY A 113 7.06 -8.08 -2.35
C GLY A 113 6.34 -8.86 -1.26
N GLU A 114 5.02 -8.92 -1.34
CA GLU A 114 4.23 -9.65 -0.34
C GLU A 114 4.00 -11.09 -0.76
N LYS A 115 3.70 -11.94 0.22
CA LYS A 115 3.46 -13.35 -0.04
C LYS A 115 1.97 -13.64 0.10
N LEU A 116 1.34 -14.06 -0.99
CA LEU A 116 -0.09 -14.37 -0.99
C LEU A 116 -0.46 -15.22 -2.21
N THR A 117 -0.47 -16.55 -2.05
CA THR A 117 -0.84 -17.44 -3.15
C THR A 117 -2.35 -17.54 -3.22
N ASP A 118 -2.88 -18.20 -4.25
CA ASP A 118 -4.34 -18.34 -4.42
C ASP A 118 -5.13 -18.63 -3.14
N GLU A 119 -4.80 -19.72 -2.44
CA GLU A 119 -5.50 -20.10 -1.20
C GLU A 119 -5.32 -19.04 -0.11
N GLU A 120 -4.27 -18.27 -0.29
CA GLU A 120 -3.93 -17.22 0.67
C GLU A 120 -4.79 -16.00 0.37
N VAL A 121 -4.89 -15.61 -0.91
CA VAL A 121 -5.74 -14.51 -1.29
C VAL A 121 -7.19 -14.87 -1.04
N ASP A 122 -7.51 -16.15 -1.24
CA ASP A 122 -8.87 -16.65 -1.04
C ASP A 122 -9.37 -16.24 0.32
N GLU A 123 -8.57 -16.56 1.33
CA GLU A 123 -8.90 -16.21 2.70
C GLU A 123 -9.14 -14.71 2.81
N MET A 124 -8.23 -13.95 2.22
CA MET A 124 -8.29 -12.50 2.20
C MET A 124 -9.55 -11.97 1.49
N ILE A 125 -10.17 -12.77 0.64
CA ILE A 125 -11.36 -12.32 -0.06
C ILE A 125 -12.51 -12.40 0.91
N ARG A 126 -12.58 -13.52 1.64
CA ARG A 126 -13.62 -13.73 2.66
C ARG A 126 -13.33 -12.84 3.86
N GLU A 127 -12.18 -12.20 3.80
CA GLU A 127 -11.75 -11.29 4.84
C GLU A 127 -12.45 -9.95 4.68
N ALA A 128 -12.62 -9.52 3.43
CA ALA A 128 -13.28 -8.24 3.16
C ALA A 128 -14.59 -8.38 2.38
N ASP A 129 -14.99 -9.61 2.10
CA ASP A 129 -16.20 -9.86 1.30
C ASP A 129 -17.47 -9.93 2.16
N ILE A 130 -17.66 -8.92 3.00
CA ILE A 130 -18.85 -8.82 3.85
C ILE A 130 -20.15 -9.15 3.10
N ASP A 131 -20.35 -8.54 1.94
CA ASP A 131 -21.56 -8.77 1.12
C ASP A 131 -21.66 -10.23 0.70
N GLY A 132 -20.52 -10.86 0.48
CA GLY A 132 -20.46 -12.26 0.10
C GLY A 132 -20.78 -12.49 -1.35
N ASP A 133 -19.92 -12.02 -2.24
CA ASP A 133 -20.09 -12.24 -3.67
C ASP A 133 -18.73 -12.62 -4.24
N GLY A 134 -17.82 -12.88 -3.31
CA GLY A 134 -16.46 -13.25 -3.64
C GLY A 134 -15.75 -12.14 -4.38
N GLN A 135 -15.87 -10.92 -3.86
CA GLN A 135 -15.26 -9.75 -4.49
C GLN A 135 -15.04 -8.68 -3.43
N VAL A 136 -14.20 -7.73 -3.78
CA VAL A 136 -13.86 -6.61 -2.90
C VAL A 136 -14.15 -5.32 -3.64
N ASN A 137 -14.88 -4.40 -3.04
CA ASN A 137 -15.19 -3.14 -3.71
C ASN A 137 -15.01 -2.00 -2.74
N TYR A 138 -15.19 -0.77 -3.21
CA TYR A 138 -15.03 0.41 -2.36
C TYR A 138 -15.98 0.35 -1.18
N GLU A 139 -17.25 0.05 -1.45
CA GLU A 139 -18.28 -0.02 -0.43
C GLU A 139 -17.90 -0.99 0.71
N GLU A 140 -17.17 -2.05 0.39
CA GLU A 140 -16.76 -3.03 1.38
C GLU A 140 -15.46 -2.62 2.05
N PHE A 141 -14.48 -2.19 1.25
CA PHE A 141 -13.20 -1.75 1.75
C PHE A 141 -13.33 -0.60 2.75
N VAL A 142 -14.31 0.28 2.54
CA VAL A 142 -14.52 1.41 3.47
C VAL A 142 -14.65 0.90 4.90
N GLN A 143 -15.62 0.01 5.11
CA GLN A 143 -15.88 -0.54 6.44
C GLN A 143 -14.65 -1.29 6.96
N MET A 144 -14.09 -2.14 6.12
CA MET A 144 -12.93 -2.94 6.47
C MET A 144 -11.74 -2.05 6.83
N MET A 145 -11.61 -0.91 6.16
CA MET A 145 -10.51 0.01 6.43
C MET A 145 -10.69 0.78 7.74
N THR A 146 -11.84 0.64 8.39
CA THR A 146 -12.06 1.35 9.65
C THR A 146 -12.12 0.37 10.81
N ALA A 147 -12.62 -0.84 10.54
CA ALA A 147 -12.73 -1.86 11.58
C ALA A 147 -11.97 -3.12 11.19
N MET B 1 1.51 7.07 -2.23
CA MET B 1 2.44 6.19 -2.94
C MET B 1 2.55 4.84 -2.23
N ASP B 2 3.63 4.11 -2.52
CA ASP B 2 3.87 2.81 -1.92
C ASP B 2 3.89 2.86 -0.40
N CYS B 3 4.44 3.92 0.17
CA CYS B 3 4.49 4.04 1.63
C CYS B 3 3.09 3.88 2.25
N LEU B 4 2.11 4.61 1.73
CA LEU B 4 0.74 4.54 2.25
C LEU B 4 0.06 3.25 1.84
N CYS B 5 0.36 2.78 0.65
CA CYS B 5 -0.25 1.55 0.17
C CYS B 5 0.30 0.37 0.96
N ILE B 6 1.56 0.46 1.36
CA ILE B 6 2.19 -0.58 2.16
C ILE B 6 1.49 -0.68 3.51
N VAL B 7 1.28 0.47 4.13
CA VAL B 7 0.63 0.53 5.43
C VAL B 7 -0.81 0.02 5.34
N THR B 8 -1.51 0.45 4.30
CA THR B 8 -2.88 0.03 4.08
C THR B 8 -2.93 -1.46 3.72
N THR B 9 -1.97 -1.92 2.92
CA THR B 9 -1.90 -3.33 2.53
C THR B 9 -1.67 -4.17 3.78
N LYS B 10 -0.86 -3.64 4.68
CA LYS B 10 -0.57 -4.31 5.92
C LYS B 10 -1.84 -4.44 6.77
N LYS B 11 -2.68 -3.42 6.70
CA LYS B 11 -3.94 -3.42 7.43
C LYS B 11 -4.92 -4.40 6.81
N TYR B 12 -5.10 -4.32 5.50
CA TYR B 12 -5.99 -5.19 4.74
C TYR B 12 -5.56 -6.67 4.86
N ARG B 13 -4.29 -6.87 5.17
CA ARG B 13 -3.74 -8.21 5.30
C ARG B 13 -4.05 -8.81 6.68
N TYR B 14 -3.54 -8.16 7.70
CA TYR B 14 -3.75 -8.62 9.06
C TYR B 14 -5.05 -8.05 9.63
N GLN B 15 -6.14 -8.80 9.49
CA GLN B 15 -7.44 -8.38 10.02
C GLN B 15 -8.03 -9.44 10.93
N ASP B 16 -8.21 -10.66 10.43
CA ASP B 16 -8.77 -11.72 11.26
C ASP B 16 -8.49 -13.10 10.70
N GLU B 17 -8.84 -13.33 9.45
CA GLU B 17 -8.63 -14.63 8.83
C GLU B 17 -7.21 -14.76 8.26
N ASP B 18 -6.80 -13.83 7.43
CA ASP B 18 -5.47 -13.88 6.84
C ASP B 18 -4.40 -13.39 7.81
#